data_7X7V
#
_entry.id   7X7V
#
_cell.length_a   1.00
_cell.length_b   1.00
_cell.length_c   1.00
_cell.angle_alpha   90.00
_cell.angle_beta   90.00
_cell.angle_gamma   90.00
#
_symmetry.space_group_name_H-M   'P 1'
#
loop_
_entity.id
_entity.type
_entity.pdbx_description
1 polymer 'X10 light chain'
2 polymer 'X10 heavy chain'
3 polymer 'X17 light chain'
4 polymer 'X17 heavy chain'
5 polymer 'X01 light chain'
6 polymer 'X01 heavy chain'
7 polymer 'Spike protein S1'
8 branched 2-acetamido-2-deoxy-beta-D-glucopyranose-(1-4)-2-acetamido-2-deoxy-beta-D-glucopyranose
#
loop_
_entity_poly.entity_id
_entity_poly.type
_entity_poly.pdbx_seq_one_letter_code
_entity_poly.pdbx_strand_id
1 'polypeptide(L)'
;DIVLTQSPASLAVSLGQRAAISCRASQSVSTSSHNYVHWYQQRPGQPPKLLIKYASNLECGVPARFSGSGSGTDFTLNIH
PVEEEDSAAYYCQHSWEIPYTFGGGTKLEIK
;
L
2 'polypeptide(L)'
;EVQLQQSGPELVKPGASVKISCKTSGYTFTEYTLHWVKQSHGKSLEWIGGFDPNFGGATYNLKFEDKATLTVDKSSNTAY
MELRSLTSEDSAVFYCARGDYGTSYAYFDFWGQGTTLTVSS
;
H
3 'polypeptide(L)'
;DIQMTQTTSSLSASLGDRVTISCRASQDISNYLNWYQQKPDGTVKLLIYYTSRLHSGVPSRFSGSGSGTDYSLTISNLEQ
EDIATYFCQQGTTLPYTFGGGTKLEIK
;
F
4 'polypeptide(L)'
;QVQLQQSGAELARPGASVKLSCKASGYTFTFYWMQWLKQRPGQGLEWIGAIYPGDGDTRYTQRFKDKATLTADKSSSTAY
IQLSSLASEDSAVYYCAGGEYDNYGFDYWGQGTTLTVSS
;
A
5 'polypeptide(L)'
;DIQMTQSSSYLSVSLGGRVTITCKASDHINNWLAWYQQKPGNAPRLLISGVTNLETGVPSRFSGSGSGKNFTLSIASLQT
EDVATYYCQQYWSFPWTFGGGTKLEIR
;
D
6 'polypeptide(L)'
;EIQLQQSGPELVAPGASVKVSCKASGYAFTSYNMYWVRQSHGKSLEWIGYIVPYNGGTTYNQEFKGKATLTVDKSSNTAY
IHLNSLTSEDSAVYYCAKEGTYYGYDGVLADWGQGTLVT
;
C
7 'polypeptide(L)'
;TNLCPFGEVFNATKFPSVYAWERKKISNCVADYSVLYNSTFFSTFKCYGVSATKLNDLCFSNVYADSFVVKGDDVRQIAP
GQTGVIADYNYKLPDDFMGCVLAWNTRNIDATSTGNYNYKYRYLRHGKLRPFERDISNVPFSPDGKPCTPPALNCYWPLN
DYGFYTTTGIGYQPYRVVVLSFELLNAPA
;
E
#
loop_
_chem_comp.id
_chem_comp.type
_chem_comp.name
_chem_comp.formula
NAG D-saccharide, beta linking 2-acetamido-2-deoxy-beta-D-glucopyranose 'C8 H15 N O6'
#
# COMPACT_ATOMS: atom_id res chain seq x y z
N ASP A 1 -4.67 -2.90 -20.10
CA ASP A 1 -5.09 -1.52 -19.96
C ASP A 1 -6.58 -1.38 -20.27
N ILE A 2 -6.96 -0.22 -20.76
CA ILE A 2 -8.35 0.07 -21.12
C ILE A 2 -8.40 0.46 -22.59
N VAL A 3 -9.21 -0.25 -23.36
CA VAL A 3 -9.37 0.02 -24.78
C VAL A 3 -10.74 0.66 -25.00
N LEU A 4 -10.80 1.65 -25.88
CA LEU A 4 -12.02 2.35 -26.19
C LEU A 4 -12.46 2.00 -27.61
N THR A 5 -13.70 1.56 -27.75
CA THR A 5 -14.27 1.29 -29.06
C THR A 5 -15.22 2.41 -29.44
N GLN A 6 -15.31 2.66 -30.74
CA GLN A 6 -16.11 3.76 -31.26
C GLN A 6 -17.12 3.25 -32.26
N SER A 7 -18.27 3.92 -32.32
CA SER A 7 -19.34 3.52 -33.21
C SER A 7 -20.15 4.76 -33.56
N PRO A 8 -20.49 4.98 -34.84
CA PRO A 8 -20.14 4.20 -36.03
C PRO A 8 -18.72 4.47 -36.52
N ALA A 9 -18.29 3.77 -37.56
CA ALA A 9 -16.93 3.95 -38.05
C ALA A 9 -16.79 5.24 -38.84
N SER A 10 -17.72 5.50 -39.77
CA SER A 10 -17.71 6.70 -40.59
C SER A 10 -19.15 7.19 -40.72
N LEU A 11 -19.56 8.08 -39.82
CA LEU A 11 -20.91 8.59 -39.81
C LEU A 11 -21.00 9.81 -40.71
N ALA A 12 -22.00 9.83 -41.59
CA ALA A 12 -22.28 10.95 -42.47
C ALA A 12 -23.52 11.67 -41.97
N VAL A 13 -23.42 12.99 -41.85
CA VAL A 13 -24.50 13.80 -41.28
C VAL A 13 -24.75 14.97 -42.22
N SER A 14 -25.94 15.54 -42.13
CA SER A 14 -26.31 16.74 -42.87
C SER A 14 -26.70 17.84 -41.90
N LEU A 15 -26.89 19.05 -42.45
CA LEU A 15 -27.00 20.25 -41.65
C LEU A 15 -28.27 20.33 -40.82
N GLY A 16 -29.31 19.56 -41.17
CA GLY A 16 -30.58 19.70 -40.50
C GLY A 16 -30.77 18.76 -39.33
N GLN A 17 -29.88 17.78 -39.20
CA GLN A 17 -29.97 16.81 -38.12
C GLN A 17 -28.69 16.85 -37.28
N ARG A 18 -28.62 15.95 -36.31
CA ARG A 18 -27.55 15.89 -35.32
C ARG A 18 -26.65 14.69 -35.58
N ALA A 19 -25.42 14.77 -35.06
CA ALA A 19 -24.45 13.68 -35.16
C ALA A 19 -24.24 13.08 -33.79
N ALA A 20 -24.17 11.75 -33.74
CA ALA A 20 -24.00 11.02 -32.48
C ALA A 20 -22.84 10.05 -32.63
N ILE A 21 -21.67 10.43 -32.12
CA ILE A 21 -20.51 9.55 -32.04
C ILE A 21 -20.54 8.87 -30.68
N SER A 22 -20.51 7.53 -30.67
CA SER A 22 -20.65 6.77 -29.45
C SER A 22 -19.33 6.09 -29.11
N CYS A 23 -18.70 6.52 -28.03
CA CYS A 23 -17.43 5.97 -27.55
C CYS A 23 -17.74 5.08 -26.35
N ARG A 24 -17.75 3.77 -26.58
CA ARG A 24 -18.01 2.81 -25.52
C ARG A 24 -16.67 2.40 -24.91
N ALA A 25 -16.65 2.25 -23.59
CA ALA A 25 -15.42 1.87 -22.90
C ALA A 25 -15.41 0.37 -22.61
N SER A 26 -14.22 -0.14 -22.31
CA SER A 26 -14.08 -1.58 -22.02
C SER A 26 -14.66 -1.92 -20.66
N GLN A 27 -14.08 -1.38 -19.60
CA GLN A 27 -14.63 -1.47 -18.27
C GLN A 27 -15.27 -0.14 -17.92
N SER A 28 -15.87 -0.07 -16.73
CA SER A 28 -16.46 1.17 -16.26
C SER A 28 -15.38 2.21 -16.01
N VAL A 29 -15.72 3.47 -16.29
CA VAL A 29 -14.78 4.57 -16.18
C VAL A 29 -15.20 5.59 -15.12
N SER A 30 -16.48 5.76 -14.89
CA SER A 30 -16.99 6.80 -14.02
C SER A 30 -16.76 6.48 -12.55
N THR A 31 -16.63 7.54 -11.77
CA THR A 31 -16.77 7.52 -10.32
C THR A 31 -18.05 8.26 -9.97
N SER A 32 -18.30 8.42 -8.67
CA SER A 32 -19.52 9.09 -8.24
C SER A 32 -19.47 10.59 -8.54
N SER A 33 -18.29 11.18 -8.49
CA SER A 33 -18.18 12.63 -8.65
C SER A 33 -18.07 13.02 -10.12
N HIS A 34 -17.05 12.51 -10.81
CA HIS A 34 -16.74 12.90 -12.18
C HIS A 34 -16.95 11.73 -13.13
N ASN A 35 -16.69 11.99 -14.40
CA ASN A 35 -16.64 10.97 -15.44
C ASN A 35 -15.35 11.18 -16.22
N TYR A 36 -14.50 10.16 -16.27
CA TYR A 36 -13.11 10.36 -16.68
C TYR A 36 -12.91 10.06 -18.16
N VAL A 37 -13.57 10.85 -19.01
CA VAL A 37 -13.34 10.74 -20.44
C VAL A 37 -13.39 12.13 -21.06
N HIS A 38 -12.41 12.41 -21.92
CA HIS A 38 -12.29 13.69 -22.60
C HIS A 38 -12.29 13.47 -24.10
N TRP A 39 -12.71 14.49 -24.84
CA TRP A 39 -12.88 14.41 -26.29
C TRP A 39 -11.84 15.23 -27.01
N TYR A 40 -11.67 14.94 -28.30
CA TYR A 40 -10.73 15.66 -29.15
C TYR A 40 -11.19 15.59 -30.59
N GLN A 41 -11.24 16.74 -31.26
CA GLN A 41 -11.37 16.79 -32.70
C GLN A 41 -10.01 17.12 -33.30
N GLN A 42 -9.83 16.78 -34.58
CA GLN A 42 -8.56 16.97 -35.25
C GLN A 42 -8.83 17.26 -36.72
N ARG A 43 -8.74 18.52 -37.10
CA ARG A 43 -8.84 18.87 -38.50
C ARG A 43 -7.60 18.36 -39.23
N PRO A 44 -7.72 17.96 -40.50
CA PRO A 44 -6.62 17.24 -41.16
C PRO A 44 -5.40 18.11 -41.41
N GLY A 45 -4.22 17.51 -41.20
CA GLY A 45 -2.97 18.22 -41.33
C GLY A 45 -2.63 19.13 -40.17
N GLN A 46 -3.36 19.03 -39.07
CA GLN A 46 -3.22 19.94 -37.95
C GLN A 46 -3.33 19.14 -36.67
N PRO A 47 -2.75 19.63 -35.56
CA PRO A 47 -2.83 18.90 -34.29
C PRO A 47 -4.23 18.90 -33.74
N PRO A 48 -4.55 17.99 -32.80
CA PRO A 48 -5.90 17.97 -32.22
C PRO A 48 -6.24 19.17 -31.36
N LYS A 49 -7.45 19.17 -30.82
CA LYS A 49 -7.94 20.29 -30.02
C LYS A 49 -8.97 19.77 -29.04
N LEU A 50 -8.96 20.33 -27.85
CA LEU A 50 -9.88 19.90 -26.80
C LEU A 50 -11.29 20.40 -27.07
N LEU A 51 -12.27 19.53 -26.87
CA LEU A 51 -13.68 19.90 -26.99
C LEU A 51 -14.40 19.77 -25.66
N ILE A 52 -14.38 18.60 -25.04
CA ILE A 52 -15.10 18.32 -23.82
C ILE A 52 -14.09 17.84 -22.79
N LYS A 53 -14.18 18.38 -21.57
CA LYS A 53 -13.39 17.88 -20.46
C LYS A 53 -14.33 17.29 -19.42
N TYR A 54 -14.00 16.08 -18.95
CA TYR A 54 -14.76 15.30 -17.97
C TYR A 54 -16.20 15.02 -18.41
N ALA A 55 -16.38 14.75 -19.71
CA ALA A 55 -17.57 14.17 -20.33
C ALA A 55 -18.83 15.02 -20.32
N SER A 56 -18.83 16.14 -19.58
CA SER A 56 -19.96 17.06 -19.59
C SER A 56 -19.55 18.50 -19.78
N ASN A 57 -18.41 18.89 -19.20
CA ASN A 57 -18.00 20.28 -19.23
C ASN A 57 -17.34 20.61 -20.55
N LEU A 58 -17.79 21.69 -21.18
CA LEU A 58 -17.21 22.20 -22.41
C LEU A 58 -16.10 23.21 -22.08
N GLU A 59 -15.15 23.34 -22.99
CA GLU A 59 -14.03 24.25 -22.77
C GLU A 59 -14.44 25.69 -23.06
N CYS A 60 -13.56 26.61 -22.69
CA CYS A 60 -13.69 28.00 -23.12
C CYS A 60 -13.04 28.17 -24.48
N GLY A 61 -13.80 28.69 -25.43
CA GLY A 61 -13.34 28.71 -26.81
C GLY A 61 -13.97 27.60 -27.61
N VAL A 62 -15.28 27.43 -27.45
CA VAL A 62 -16.05 26.39 -28.12
C VAL A 62 -17.16 27.12 -28.88
N PRO A 63 -17.69 26.56 -29.99
CA PRO A 63 -18.86 27.20 -30.61
C PRO A 63 -20.19 26.86 -29.95
N ALA A 64 -20.15 26.31 -28.72
CA ALA A 64 -21.30 26.00 -27.87
C ALA A 64 -22.26 24.99 -28.50
N ARG A 65 -21.82 24.29 -29.54
CA ARG A 65 -22.59 23.22 -30.15
C ARG A 65 -22.01 21.86 -29.84
N PHE A 66 -20.96 21.80 -29.03
CA PHE A 66 -20.33 20.56 -28.62
C PHE A 66 -20.59 20.34 -27.14
N SER A 67 -21.39 19.33 -26.83
CA SER A 67 -21.66 18.97 -25.44
C SER A 67 -21.87 17.46 -25.38
N GLY A 68 -21.23 16.83 -24.40
CA GLY A 68 -21.25 15.38 -24.28
C GLY A 68 -22.41 14.89 -23.43
N SER A 69 -22.41 13.59 -23.20
CA SER A 69 -23.44 12.93 -22.41
C SER A 69 -22.90 11.60 -21.90
N GLY A 70 -23.75 10.84 -21.23
CA GLY A 70 -23.41 9.48 -20.87
C GLY A 70 -22.61 9.40 -19.58
N SER A 71 -22.83 8.31 -18.85
CA SER A 71 -22.08 8.01 -17.64
C SER A 71 -22.12 6.50 -17.42
N GLY A 72 -21.02 5.98 -16.92
CA GLY A 72 -20.85 4.53 -16.80
C GLY A 72 -19.87 4.02 -17.84
N THR A 73 -20.36 3.16 -18.74
CA THR A 73 -19.54 2.72 -19.86
C THR A 73 -19.86 3.51 -21.12
N ASP A 74 -21.13 3.86 -21.30
CA ASP A 74 -21.58 4.52 -22.53
C ASP A 74 -21.31 6.02 -22.46
N PHE A 75 -20.65 6.54 -23.49
CA PHE A 75 -20.42 7.97 -23.60
C PHE A 75 -20.61 8.39 -25.06
N THR A 76 -21.11 9.61 -25.24
CA THR A 76 -21.38 10.08 -26.59
C THR A 76 -21.11 11.57 -26.70
N LEU A 77 -20.99 12.02 -27.95
CA LEU A 77 -20.73 13.42 -28.28
C LEU A 77 -21.86 13.93 -29.16
N ASN A 78 -22.45 15.05 -28.80
CA ASN A 78 -23.63 15.57 -29.47
C ASN A 78 -23.29 16.85 -30.22
N ILE A 79 -23.69 16.92 -31.48
CA ILE A 79 -23.53 18.10 -32.32
C ILE A 79 -24.91 18.39 -32.91
N HIS A 80 -25.71 19.20 -32.23
CA HIS A 80 -27.07 19.42 -32.74
C HIS A 80 -27.09 20.46 -33.87
N PRO A 81 -26.37 21.61 -33.82
CA PRO A 81 -26.19 22.38 -35.06
C PRO A 81 -24.93 21.99 -35.82
N VAL A 82 -25.07 21.62 -37.09
CA VAL A 82 -23.96 21.17 -37.90
C VAL A 82 -23.77 22.15 -39.06
N GLU A 83 -22.51 22.44 -39.37
CA GLU A 83 -22.17 23.34 -40.47
C GLU A 83 -20.95 22.77 -41.20
N GLU A 84 -20.28 23.60 -42.01
CA GLU A 84 -19.26 23.07 -42.91
C GLU A 84 -17.96 22.73 -42.19
N GLU A 85 -17.61 23.52 -41.17
CA GLU A 85 -16.24 23.49 -40.66
C GLU A 85 -15.95 22.24 -39.84
N ASP A 86 -16.96 21.65 -39.21
CA ASP A 86 -16.68 20.48 -38.37
C ASP A 86 -16.69 19.18 -39.15
N SER A 87 -15.90 19.11 -40.22
CA SER A 87 -15.67 17.88 -40.97
C SER A 87 -14.24 17.46 -40.65
N ALA A 88 -14.09 16.61 -39.64
CA ALA A 88 -12.77 16.26 -39.14
C ALA A 88 -12.86 14.92 -38.42
N ALA A 89 -11.70 14.44 -37.95
CA ALA A 89 -11.65 13.23 -37.15
C ALA A 89 -11.88 13.56 -35.68
N TYR A 90 -12.63 12.69 -35.00
CA TYR A 90 -13.05 12.95 -33.62
C TYR A 90 -12.56 11.81 -32.74
N TYR A 91 -11.88 12.14 -31.65
CA TYR A 91 -11.16 11.17 -30.84
C TYR A 91 -11.65 11.17 -29.40
N CYS A 92 -11.70 9.97 -28.82
CA CYS A 92 -12.08 9.73 -27.44
C CYS A 92 -10.82 9.49 -26.61
N GLN A 93 -10.86 9.92 -25.35
CA GLN A 93 -9.71 9.71 -24.48
C GLN A 93 -10.15 9.47 -23.06
N HIS A 94 -9.64 8.41 -22.44
CA HIS A 94 -9.95 8.09 -21.04
C HIS A 94 -8.82 8.46 -20.10
N SER A 95 -9.15 8.80 -18.86
CA SER A 95 -8.12 9.14 -17.87
C SER A 95 -8.11 8.28 -16.61
N TRP A 96 -8.75 7.12 -16.65
CA TRP A 96 -8.88 6.30 -15.44
C TRP A 96 -7.61 5.77 -14.82
N GLU A 97 -6.66 5.30 -15.61
CA GLU A 97 -5.47 4.68 -15.07
C GLU A 97 -4.28 5.37 -15.65
N ILE A 98 -3.09 5.11 -15.14
CA ILE A 98 -1.94 5.88 -15.64
C ILE A 98 -1.72 5.74 -17.15
N PRO A 99 -1.81 4.51 -17.71
CA PRO A 99 -1.68 4.53 -19.16
C PRO A 99 -2.97 5.10 -19.72
N TYR A 100 -2.88 6.10 -20.59
CA TYR A 100 -4.07 6.67 -21.18
C TYR A 100 -4.07 6.24 -22.63
N THR A 101 -5.14 5.62 -23.07
CA THR A 101 -5.20 5.24 -24.46
C THR A 101 -6.22 6.12 -25.13
N PHE A 102 -6.06 6.35 -26.42
CA PHE A 102 -7.07 7.12 -27.13
C PHE A 102 -8.02 6.18 -27.86
N GLY A 103 -9.12 6.75 -28.34
CA GLY A 103 -10.13 5.96 -29.00
C GLY A 103 -9.76 5.63 -30.43
N GLY A 104 -10.72 5.05 -31.13
CA GLY A 104 -10.51 4.69 -32.53
C GLY A 104 -10.54 5.89 -33.45
N GLY A 105 -11.69 6.53 -33.55
CA GLY A 105 -11.81 7.75 -34.34
C GLY A 105 -12.86 7.62 -35.42
N THR A 106 -13.75 8.61 -35.49
CA THR A 106 -14.78 8.66 -36.51
C THR A 106 -14.63 9.95 -37.30
N LYS A 107 -15.17 9.95 -38.51
CA LYS A 107 -15.16 11.13 -39.36
C LYS A 107 -16.58 11.64 -39.56
N LEU A 108 -16.68 12.88 -40.02
CA LEU A 108 -17.96 13.51 -40.34
C LEU A 108 -17.93 14.04 -41.76
N GLU A 109 -18.79 13.48 -42.60
CA GLU A 109 -18.91 13.90 -43.99
C GLU A 109 -20.31 14.44 -44.25
N ILE A 110 -20.40 15.53 -45.00
CA ILE A 110 -21.66 16.22 -45.23
C ILE A 110 -21.95 16.21 -46.73
N LYS A 111 -23.18 15.86 -47.08
CA LYS A 111 -23.61 15.86 -48.47
C LYS A 111 -23.71 17.27 -49.02
N GLU B 1 0.09 34.72 -25.88
CA GLU B 1 -0.48 33.47 -26.36
C GLU B 1 0.39 32.29 -25.97
N VAL B 2 -0.21 31.10 -25.91
CA VAL B 2 0.56 29.89 -25.62
C VAL B 2 1.24 29.43 -26.90
N GLN B 3 2.57 29.43 -26.89
CA GLN B 3 3.36 29.15 -28.09
C GLN B 3 4.14 27.86 -27.89
N LEU B 4 3.77 26.83 -28.67
CA LEU B 4 4.46 25.56 -28.67
C LEU B 4 5.00 25.30 -30.07
N GLN B 5 6.24 24.82 -30.14
CA GLN B 5 6.83 24.46 -31.41
C GLN B 5 7.85 23.36 -31.19
N GLN B 6 8.10 22.58 -32.22
CA GLN B 6 9.20 21.63 -32.22
C GLN B 6 10.29 22.12 -33.17
N SER B 7 11.28 21.27 -33.39
CA SER B 7 12.28 21.55 -34.41
C SER B 7 11.77 21.08 -35.76
N GLY B 8 12.63 21.18 -36.78
CA GLY B 8 12.30 20.72 -38.11
C GLY B 8 12.24 19.21 -38.18
N PRO B 9 11.50 18.67 -39.14
CA PRO B 9 11.43 17.21 -39.30
C PRO B 9 12.74 16.67 -39.84
N GLU B 10 12.93 15.36 -39.65
CA GLU B 10 14.17 14.72 -40.07
C GLU B 10 13.87 13.28 -40.44
N LEU B 11 14.68 12.75 -41.35
CA LEU B 11 14.67 11.33 -41.66
C LEU B 11 16.02 10.74 -41.29
N VAL B 12 15.98 9.62 -40.57
CA VAL B 12 17.19 8.90 -40.18
C VAL B 12 17.04 7.44 -40.57
N LYS B 13 18.14 6.85 -41.04
CA LYS B 13 18.12 5.47 -41.49
C LYS B 13 18.11 4.55 -40.27
N PRO B 14 17.56 3.34 -40.41
CA PRO B 14 17.34 2.48 -39.23
C PRO B 14 18.61 2.04 -38.53
N GLY B 15 18.57 2.08 -37.20
CA GLY B 15 19.71 1.74 -36.36
C GLY B 15 20.32 2.91 -35.62
N ALA B 16 19.84 4.13 -35.84
CA ALA B 16 20.42 5.32 -35.24
C ALA B 16 19.35 6.08 -34.48
N SER B 17 19.75 6.76 -33.42
CA SER B 17 18.80 7.48 -32.58
C SER B 17 18.42 8.81 -33.21
N VAL B 18 17.50 9.51 -32.54
CA VAL B 18 17.03 10.82 -32.98
C VAL B 18 16.62 11.59 -31.73
N LYS B 19 16.88 12.89 -31.73
CA LYS B 19 16.56 13.74 -30.57
C LYS B 19 15.60 14.83 -31.02
N ILE B 20 14.31 14.60 -30.83
CA ILE B 20 13.30 15.61 -31.14
C ILE B 20 13.30 16.64 -30.01
N SER B 21 13.08 17.89 -30.36
CA SER B 21 13.01 18.96 -29.38
C SER B 21 11.59 19.53 -29.34
N CYS B 22 11.33 20.33 -28.32
CA CYS B 22 10.07 21.06 -28.21
C CYS B 22 10.30 22.30 -27.36
N LYS B 23 10.41 23.45 -28.00
CA LYS B 23 10.55 24.70 -27.27
C LYS B 23 9.18 25.27 -26.96
N THR B 24 9.04 25.84 -25.77
CA THR B 24 7.78 26.42 -25.36
C THR B 24 7.98 27.87 -24.92
N SER B 25 6.87 28.60 -24.87
CA SER B 25 6.86 30.01 -24.52
C SER B 25 5.45 30.42 -24.15
N GLY B 26 5.34 31.37 -23.21
CA GLY B 26 4.04 31.92 -22.84
C GLY B 26 3.56 31.58 -21.46
N TYR B 27 4.27 30.74 -20.70
CA TYR B 27 3.87 30.42 -19.34
C TYR B 27 5.11 30.10 -18.53
N THR B 28 4.94 30.07 -17.21
CA THR B 28 6.01 29.60 -16.33
C THR B 28 6.19 28.11 -16.55
N PHE B 29 7.41 27.71 -16.90
CA PHE B 29 7.65 26.37 -17.40
C PHE B 29 7.55 25.31 -16.30
N THR B 30 7.91 25.67 -15.07
CA THR B 30 7.97 24.68 -13.99
C THR B 30 6.60 24.30 -13.47
N GLU B 31 5.55 25.04 -13.79
CA GLU B 31 4.23 24.70 -13.29
C GLU B 31 3.62 23.53 -14.07
N TYR B 32 3.46 23.70 -15.38
CA TYR B 32 2.75 22.70 -16.16
C TYR B 32 3.70 21.60 -16.63
N THR B 33 3.11 20.49 -17.06
CA THR B 33 3.87 19.34 -17.53
C THR B 33 3.89 19.32 -19.05
N LEU B 34 4.61 18.34 -19.61
CA LEU B 34 4.66 18.13 -21.04
C LEU B 34 4.47 16.66 -21.31
N HIS B 35 3.70 16.34 -22.35
CA HIS B 35 3.43 14.96 -22.72
C HIS B 35 3.63 14.79 -24.21
N TRP B 36 3.72 13.53 -24.65
CA TRP B 36 4.02 13.23 -26.04
C TRP B 36 3.11 12.11 -26.52
N VAL B 37 2.67 12.21 -27.78
CA VAL B 37 1.84 11.18 -28.39
C VAL B 37 2.41 10.82 -29.75
N LYS B 38 1.89 9.73 -30.32
CA LYS B 38 2.35 9.18 -31.58
C LYS B 38 1.17 8.66 -32.37
N GLN B 39 1.15 8.94 -33.67
CA GLN B 39 0.05 8.49 -34.53
C GLN B 39 0.58 8.16 -35.92
N SER B 40 0.35 6.93 -36.37
CA SER B 40 1.05 6.38 -37.53
C SER B 40 0.17 6.41 -38.79
N HIS B 41 0.09 7.59 -39.41
CA HIS B 41 -0.37 7.83 -40.78
C HIS B 41 -1.73 7.20 -41.09
N GLY B 42 -2.72 7.61 -40.29
CA GLY B 42 -4.09 7.14 -40.48
C GLY B 42 -4.57 6.19 -39.40
N LYS B 43 -3.72 5.83 -38.46
CA LYS B 43 -4.15 5.04 -37.32
C LYS B 43 -4.53 5.98 -36.18
N SER B 44 -4.68 5.44 -34.97
CA SER B 44 -5.14 6.23 -33.84
C SER B 44 -3.97 6.72 -33.00
N LEU B 45 -4.25 7.71 -32.14
CA LEU B 45 -3.24 8.24 -31.26
C LEU B 45 -2.97 7.27 -30.11
N GLU B 46 -1.80 7.44 -29.49
CA GLU B 46 -1.49 6.74 -28.25
C GLU B 46 -0.47 7.55 -27.46
N TRP B 47 -0.52 7.39 -26.15
CA TRP B 47 0.23 8.24 -25.23
C TRP B 47 1.61 7.64 -24.99
N ILE B 48 2.66 8.44 -25.21
CA ILE B 48 4.02 7.94 -25.02
C ILE B 48 4.44 8.07 -23.57
N GLY B 49 4.49 9.29 -23.06
CA GLY B 49 4.92 9.49 -21.69
C GLY B 49 5.20 10.94 -21.34
N GLY B 50 4.94 11.31 -20.09
CA GLY B 50 5.04 12.70 -19.70
C GLY B 50 6.25 13.02 -18.84
N PHE B 51 6.50 14.31 -18.63
CA PHE B 51 7.61 14.76 -17.79
C PHE B 51 7.11 15.76 -16.77
N ASP B 52 7.56 15.62 -15.54
CA ASP B 52 7.30 16.60 -14.48
C ASP B 52 8.54 17.46 -14.31
N PRO B 53 8.53 18.72 -14.75
CA PRO B 53 9.73 19.55 -14.56
C PRO B 53 9.90 20.00 -13.12
N ASN B 54 8.79 20.11 -12.37
CA ASN B 54 8.87 20.53 -10.98
C ASN B 54 9.48 19.44 -10.11
N PHE B 55 8.93 18.23 -10.20
CA PHE B 55 9.43 17.13 -9.39
C PHE B 55 10.78 16.63 -9.90
N GLY B 56 10.98 16.62 -11.21
CA GLY B 56 12.24 16.23 -11.80
C GLY B 56 12.22 14.91 -12.55
N GLY B 57 11.35 13.99 -12.16
CA GLY B 57 11.32 12.66 -12.74
C GLY B 57 10.63 12.60 -14.09
N ALA B 58 10.16 11.40 -14.42
CA ALA B 58 9.49 11.15 -15.69
C ALA B 58 8.68 9.88 -15.57
N THR B 59 7.56 9.82 -16.29
CA THR B 59 6.73 8.64 -16.34
C THR B 59 6.59 8.20 -17.78
N TYR B 60 6.31 6.91 -17.97
CA TYR B 60 6.22 6.33 -19.30
C TYR B 60 5.05 5.37 -19.39
N ASN B 61 4.51 5.26 -20.60
CA ASN B 61 3.68 4.11 -20.93
C ASN B 61 4.54 2.86 -20.93
N LEU B 62 3.95 1.72 -20.55
CA LEU B 62 4.72 0.49 -20.46
C LEU B 62 5.05 -0.05 -21.85
N LYS B 63 4.25 0.31 -22.86
CA LYS B 63 4.51 -0.12 -24.22
C LYS B 63 5.70 0.61 -24.84
N PHE B 64 6.12 1.72 -24.26
CA PHE B 64 7.21 2.54 -24.79
C PHE B 64 8.34 2.69 -23.79
N GLU B 65 8.43 1.81 -22.80
CA GLU B 65 9.32 2.05 -21.67
C GLU B 65 10.79 1.91 -22.02
N ASP B 66 11.11 1.19 -23.10
CA ASP B 66 12.51 0.93 -23.44
C ASP B 66 13.03 1.81 -24.56
N LYS B 67 12.25 2.04 -25.60
CA LYS B 67 12.75 2.68 -26.80
C LYS B 67 12.77 4.20 -26.71
N ALA B 68 12.13 4.79 -25.70
CA ALA B 68 12.07 6.24 -25.58
C ALA B 68 12.54 6.66 -24.19
N THR B 69 13.20 7.82 -24.13
CA THR B 69 13.55 8.45 -22.88
C THR B 69 13.23 9.93 -22.97
N LEU B 70 13.03 10.56 -21.82
CA LEU B 70 12.70 11.98 -21.77
C LEU B 70 13.76 12.73 -20.99
N THR B 71 14.06 13.94 -21.45
CA THR B 71 15.09 14.77 -20.86
C THR B 71 14.74 16.22 -21.13
N VAL B 72 14.81 17.04 -20.07
CA VAL B 72 14.38 18.43 -20.12
C VAL B 72 15.49 19.34 -19.60
N ASP B 73 15.75 20.42 -20.32
CA ASP B 73 16.58 21.52 -19.83
C ASP B 73 15.63 22.62 -19.35
N LYS B 74 15.75 22.98 -18.07
CA LYS B 74 14.74 23.87 -17.47
C LYS B 74 14.93 25.32 -17.86
N SER B 75 16.16 25.76 -18.15
CA SER B 75 16.38 27.18 -18.41
C SER B 75 15.91 27.56 -19.81
N SER B 76 16.24 26.74 -20.82
CA SER B 76 15.81 27.02 -22.18
C SER B 76 14.37 26.61 -22.44
N ASN B 77 13.73 25.92 -21.49
CA ASN B 77 12.34 25.45 -21.58
C ASN B 77 12.12 24.55 -22.79
N THR B 78 13.04 23.60 -22.99
CA THR B 78 12.95 22.67 -24.11
C THR B 78 12.98 21.24 -23.58
N ALA B 79 12.04 20.43 -24.03
CA ALA B 79 12.06 19.01 -23.74
C ALA B 79 12.69 18.26 -24.91
N TYR B 80 13.48 17.24 -24.58
CA TYR B 80 14.20 16.46 -25.60
C TYR B 80 13.63 15.05 -25.60
N MET B 81 12.58 14.84 -26.39
CA MET B 81 12.15 13.50 -26.75
C MET B 81 13.27 12.81 -27.51
N GLU B 82 13.51 11.55 -27.19
CA GLU B 82 14.59 10.82 -27.83
C GLU B 82 14.21 9.35 -27.99
N LEU B 83 14.30 8.84 -29.20
CA LEU B 83 14.01 7.45 -29.47
C LEU B 83 15.31 6.73 -29.81
N ARG B 84 15.25 5.40 -29.87
CA ARG B 84 16.39 4.60 -30.31
C ARG B 84 15.87 3.29 -30.87
N SER B 85 16.73 2.63 -31.66
CA SER B 85 16.44 1.40 -32.38
C SER B 85 15.21 1.56 -33.27
N LEU B 86 15.28 2.55 -34.15
CA LEU B 86 14.15 2.89 -35.00
C LEU B 86 13.95 1.85 -36.09
N THR B 87 12.68 1.51 -36.34
CA THR B 87 12.31 0.54 -37.36
C THR B 87 11.21 1.21 -38.20
N SER B 88 10.55 0.43 -39.07
CA SER B 88 9.52 0.98 -39.93
C SER B 88 8.28 1.41 -39.15
N GLU B 89 8.00 0.75 -38.03
CA GLU B 89 6.81 1.08 -37.26
C GLU B 89 6.99 2.37 -36.48
N ASP B 90 8.22 2.81 -36.25
CA ASP B 90 8.44 4.08 -35.57
C ASP B 90 8.56 5.21 -36.57
N SER B 91 7.59 5.32 -37.47
CA SER B 91 7.62 6.32 -38.54
C SER B 91 6.26 7.01 -38.50
N ALA B 92 6.16 8.08 -37.73
CA ALA B 92 4.86 8.65 -37.42
C ALA B 92 5.04 10.10 -37.02
N VAL B 93 3.93 10.73 -36.65
CA VAL B 93 3.96 12.08 -36.10
C VAL B 93 4.43 12.01 -34.66
N PHE B 94 4.79 13.16 -34.10
CA PHE B 94 5.22 13.26 -32.71
C PHE B 94 4.82 14.63 -32.19
N TYR B 95 3.79 14.67 -31.37
CA TYR B 95 3.33 15.94 -30.81
C TYR B 95 3.93 16.16 -29.43
N CYS B 96 4.09 17.44 -29.08
CA CYS B 96 4.55 17.87 -27.77
C CYS B 96 3.38 18.59 -27.10
N ALA B 97 2.63 17.85 -26.30
CA ALA B 97 1.41 18.36 -25.70
C ALA B 97 1.64 18.79 -24.26
N ARG B 98 0.87 19.79 -23.84
CA ARG B 98 0.95 20.33 -22.49
C ARG B 98 -0.23 19.84 -21.67
N GLY B 99 0.04 19.28 -20.50
CA GLY B 99 -1.00 18.82 -19.62
C GLY B 99 -1.29 19.81 -18.51
N ASP B 100 -1.61 19.31 -17.32
CA ASP B 100 -1.90 20.14 -16.16
C ASP B 100 -0.73 20.06 -15.17
N TYR B 101 -0.94 20.61 -13.97
CA TYR B 101 0.06 20.57 -12.92
C TYR B 101 0.32 19.12 -12.51
N GLY B 102 1.55 18.88 -12.05
CA GLY B 102 2.12 17.56 -11.82
C GLY B 102 1.31 16.54 -11.06
N THR B 103 1.17 15.37 -11.69
CA THR B 103 0.40 14.20 -11.23
C THR B 103 -1.05 14.63 -10.99
N SER B 104 -1.55 15.46 -11.88
CA SER B 104 -2.97 15.75 -11.95
C SER B 104 -3.47 15.92 -13.38
N TYR B 105 -2.66 15.56 -14.38
CA TYR B 105 -3.00 15.78 -15.77
C TYR B 105 -4.14 14.89 -16.23
N ALA B 106 -5.09 15.46 -16.97
CA ALA B 106 -6.16 14.66 -17.53
C ALA B 106 -6.43 14.98 -18.99
N TYR B 107 -6.18 16.22 -19.41
CA TYR B 107 -6.43 16.60 -20.79
C TYR B 107 -5.30 17.45 -21.30
N PHE B 108 -4.87 17.16 -22.53
CA PHE B 108 -3.79 17.90 -23.18
C PHE B 108 -4.42 19.04 -23.94
N ASP B 109 -4.45 20.22 -23.32
CA ASP B 109 -5.26 21.32 -23.85
C ASP B 109 -4.58 22.02 -25.01
N PHE B 110 -3.28 22.28 -24.92
CA PHE B 110 -2.56 23.01 -25.95
C PHE B 110 -1.45 22.16 -26.54
N TRP B 111 -1.30 22.26 -27.86
CA TRP B 111 -0.48 21.31 -28.60
C TRP B 111 0.56 22.00 -29.47
N GLY B 112 1.32 21.22 -30.24
CA GLY B 112 2.32 21.76 -31.14
C GLY B 112 2.10 21.27 -32.55
N GLN B 113 2.98 21.74 -33.44
CA GLN B 113 2.81 21.43 -34.87
C GLN B 113 3.10 19.97 -35.17
N GLY B 114 4.05 19.37 -34.47
CA GLY B 114 4.32 17.95 -34.67
C GLY B 114 5.31 17.64 -35.76
N THR B 115 6.26 16.75 -35.48
CA THR B 115 7.28 16.35 -36.45
C THR B 115 7.04 14.92 -36.89
N THR B 116 7.43 14.63 -38.12
CA THR B 116 7.27 13.30 -38.72
C THR B 116 8.62 12.67 -38.98
N LEU B 117 8.77 11.41 -38.59
CA LEU B 117 9.94 10.62 -38.91
C LEU B 117 9.61 9.65 -40.04
N THR B 118 10.58 9.44 -40.93
CA THR B 118 10.48 8.43 -41.98
C THR B 118 11.83 7.72 -42.05
N VAL B 119 11.90 6.47 -41.61
CA VAL B 119 13.11 5.69 -41.79
C VAL B 119 13.22 5.30 -43.26
N SER B 120 14.45 5.26 -43.78
CA SER B 120 14.66 5.12 -45.20
C SER B 120 16.01 4.47 -45.47
N SER B 121 16.27 4.21 -46.75
CA SER B 121 17.55 3.69 -47.22
C SER B 121 17.75 4.02 -48.68
N ASP C 1 13.19 -31.27 7.48
CA ASP C 1 11.77 -31.06 7.27
C ASP C 1 10.95 -31.41 8.50
N ILE C 2 10.01 -30.53 8.85
CA ILE C 2 9.04 -30.86 9.88
C ILE C 2 8.07 -31.87 9.31
N GLN C 3 7.77 -32.90 10.10
CA GLN C 3 6.77 -33.89 9.74
C GLN C 3 5.59 -33.71 10.69
N MET C 4 4.38 -33.88 10.16
CA MET C 4 3.19 -33.86 10.99
C MET C 4 2.50 -35.21 10.90
N THR C 5 2.02 -35.69 12.04
CA THR C 5 1.50 -37.04 12.16
C THR C 5 0.03 -36.98 12.58
N GLN C 6 -0.87 -37.16 11.62
CA GLN C 6 -2.24 -37.50 11.94
C GLN C 6 -2.26 -38.99 12.25
N THR C 7 -2.35 -39.34 13.54
CA THR C 7 -2.19 -40.72 13.96
C THR C 7 -3.38 -41.56 13.52
N THR C 8 -4.59 -41.08 13.77
CA THR C 8 -5.77 -41.69 13.19
C THR C 8 -5.81 -41.39 11.69
N SER C 9 -6.07 -42.41 10.88
CA SER C 9 -6.23 -42.19 9.45
C SER C 9 -7.69 -42.30 9.03
N SER C 10 -8.56 -42.83 9.88
CA SER C 10 -9.98 -42.92 9.58
C SER C 10 -10.77 -42.67 10.85
N LEU C 11 -12.08 -42.47 10.68
CA LEU C 11 -12.96 -42.18 11.80
C LEU C 11 -14.40 -42.51 11.40
N SER C 12 -15.20 -42.84 12.41
CA SER C 12 -16.61 -43.09 12.23
C SER C 12 -17.38 -42.27 13.26
N ALA C 13 -18.47 -41.64 12.83
CA ALA C 13 -19.29 -40.84 13.72
C ALA C 13 -20.71 -40.79 13.17
N SER C 14 -21.63 -40.40 14.03
CA SER C 14 -23.04 -40.29 13.66
C SER C 14 -23.29 -38.91 13.07
N LEU C 15 -24.57 -38.54 12.95
CA LEU C 15 -24.94 -37.20 12.55
C LEU C 15 -25.56 -36.46 13.72
N GLY C 16 -25.17 -35.21 13.89
CA GLY C 16 -25.62 -34.39 15.00
C GLY C 16 -24.75 -34.48 16.24
N ASP C 17 -23.74 -35.35 16.26
CA ASP C 17 -22.86 -35.48 17.40
C ASP C 17 -21.68 -34.52 17.25
N ARG C 18 -20.68 -34.67 18.11
CA ARG C 18 -19.54 -33.76 18.17
C ARG C 18 -18.27 -34.57 17.97
N VAL C 19 -17.63 -34.39 16.82
CA VAL C 19 -16.46 -35.17 16.45
C VAL C 19 -15.23 -34.27 16.55
N THR C 20 -14.07 -34.88 16.67
CA THR C 20 -12.83 -34.18 16.96
C THR C 20 -11.68 -34.90 16.25
N ILE C 21 -10.85 -34.12 15.55
CA ILE C 21 -9.75 -34.67 14.75
C ILE C 21 -8.46 -34.08 15.28
N SER C 22 -7.53 -34.93 15.70
CA SER C 22 -6.27 -34.51 16.30
C SER C 22 -5.15 -34.45 15.26
N CYS C 23 -4.15 -33.63 15.56
CA CYS C 23 -3.01 -33.44 14.66
C CYS C 23 -1.84 -32.90 15.46
N ARG C 24 -0.73 -33.61 15.46
CA ARG C 24 0.46 -33.22 16.21
C ARG C 24 1.59 -32.85 15.25
N ALA C 25 2.55 -32.11 15.79
CA ALA C 25 3.72 -31.66 15.04
C ALA C 25 4.98 -32.18 15.71
N SER C 26 6.07 -32.23 14.94
CA SER C 26 7.32 -32.73 15.49
C SER C 26 8.00 -31.68 16.36
N GLN C 27 8.09 -30.44 15.89
CA GLN C 27 8.64 -29.34 16.68
C GLN C 27 7.56 -28.28 16.82
N ASP C 28 7.80 -27.31 17.69
CA ASP C 28 6.80 -26.30 18.01
C ASP C 28 6.61 -25.35 16.84
N ILE C 29 5.46 -25.45 16.17
CA ILE C 29 5.21 -24.72 14.94
C ILE C 29 4.70 -23.31 15.21
N SER C 30 4.60 -22.91 16.48
CA SER C 30 4.37 -21.52 16.90
C SER C 30 3.05 -20.96 16.38
N ASN C 31 2.02 -21.79 16.45
CA ASN C 31 0.62 -21.44 16.14
C ASN C 31 0.43 -20.97 14.70
N TYR C 32 1.02 -21.65 13.73
CA TYR C 32 0.78 -21.35 12.33
C TYR C 32 0.09 -22.49 11.60
N LEU C 33 -0.85 -23.15 12.26
CA LEU C 33 -1.53 -24.30 11.68
C LEU C 33 -2.84 -23.86 11.02
N ASN C 34 -3.28 -24.63 10.04
CA ASN C 34 -4.50 -24.35 9.30
C ASN C 34 -5.08 -25.64 8.76
N TRP C 35 -6.42 -25.70 8.73
CA TRP C 35 -7.12 -26.94 8.45
C TRP C 35 -7.77 -26.89 7.06
N TYR C 36 -7.65 -27.99 6.33
CA TYR C 36 -8.11 -28.07 4.95
C TYR C 36 -9.14 -29.19 4.81
N GLN C 37 -10.14 -28.96 3.97
CA GLN C 37 -11.15 -29.97 3.67
C GLN C 37 -11.02 -30.41 2.22
N GLN C 38 -11.04 -31.72 1.98
CA GLN C 38 -11.01 -32.27 0.63
C GLN C 38 -12.27 -33.12 0.43
N LYS C 39 -13.28 -32.52 -0.19
CA LYS C 39 -14.49 -33.25 -0.52
C LYS C 39 -14.20 -34.30 -1.59
N PRO C 40 -14.94 -35.42 -1.61
CA PRO C 40 -14.55 -36.55 -2.47
C PRO C 40 -14.70 -36.30 -3.97
N ASP C 41 -15.26 -35.17 -4.40
CA ASP C 41 -15.21 -34.81 -5.81
C ASP C 41 -13.78 -34.50 -6.25
N GLY C 42 -13.00 -33.87 -5.38
CA GLY C 42 -11.65 -33.48 -5.72
C GLY C 42 -11.37 -32.05 -5.32
N THR C 43 -12.42 -31.26 -5.09
CA THR C 43 -12.25 -29.86 -4.74
C THR C 43 -11.79 -29.72 -3.29
N VAL C 44 -10.85 -28.81 -3.08
CA VAL C 44 -10.23 -28.58 -1.78
C VAL C 44 -10.50 -27.14 -1.39
N LYS C 45 -10.94 -26.93 -0.16
CA LYS C 45 -11.23 -25.58 0.35
C LYS C 45 -10.71 -25.44 1.77
N LEU C 46 -10.43 -24.19 2.14
CA LEU C 46 -9.88 -23.89 3.46
C LEU C 46 -11.02 -23.69 4.46
N LEU C 47 -10.74 -24.02 5.73
CA LEU C 47 -11.71 -23.86 6.80
C LEU C 47 -11.29 -22.83 7.84
N ILE C 48 -10.10 -22.98 8.42
CA ILE C 48 -9.54 -22.03 9.36
C ILE C 48 -8.07 -21.83 9.03
N TYR C 49 -7.60 -20.59 9.07
CA TYR C 49 -6.24 -20.28 8.62
C TYR C 49 -5.28 -20.04 9.78
N TYR C 50 -5.71 -19.32 10.80
CA TYR C 50 -4.93 -19.37 12.02
C TYR C 50 -5.40 -20.60 12.80
N THR C 51 -4.74 -20.87 13.93
CA THR C 51 -5.13 -22.04 14.72
C THR C 51 -6.47 -21.81 15.40
N SER C 52 -6.56 -20.77 16.22
CA SER C 52 -7.73 -20.55 17.07
C SER C 52 -8.79 -19.81 16.27
N ARG C 53 -9.56 -20.58 15.49
CA ARG C 53 -10.92 -20.21 15.07
C ARG C 53 -11.01 -19.04 14.09
N LEU C 54 -9.89 -18.58 13.52
CA LEU C 54 -9.99 -17.55 12.49
C LEU C 54 -10.56 -18.16 11.21
N HIS C 55 -11.84 -17.87 10.94
CA HIS C 55 -12.61 -18.46 9.86
C HIS C 55 -12.51 -17.65 8.57
N SER C 56 -12.69 -18.35 7.44
CA SER C 56 -12.69 -17.74 6.11
C SER C 56 -13.89 -18.25 5.30
N GLY C 57 -15.05 -17.60 5.49
CA GLY C 57 -16.24 -17.89 4.72
C GLY C 57 -16.81 -19.30 4.82
N VAL C 58 -17.20 -19.69 6.03
CA VAL C 58 -17.62 -21.07 6.30
C VAL C 58 -18.61 -21.02 7.45
N PRO C 59 -19.61 -21.94 7.45
CA PRO C 59 -20.48 -22.06 8.63
C PRO C 59 -19.71 -22.39 9.90
N SER C 60 -20.23 -21.85 11.02
CA SER C 60 -19.48 -21.79 12.26
C SER C 60 -19.53 -23.07 13.08
N ARG C 61 -20.00 -24.18 12.51
CA ARG C 61 -19.95 -25.44 13.27
C ARG C 61 -18.52 -25.96 13.38
N PHE C 62 -17.64 -25.57 12.45
CA PHE C 62 -16.22 -25.79 12.62
C PHE C 62 -15.66 -24.72 13.54
N SER C 63 -14.96 -25.14 14.59
CA SER C 63 -14.31 -24.17 15.47
C SER C 63 -13.06 -24.84 16.02
N GLY C 64 -11.94 -24.64 15.34
CA GLY C 64 -10.70 -25.22 15.80
C GLY C 64 -10.15 -24.48 17.00
N SER C 65 -9.22 -25.15 17.68
CA SER C 65 -8.53 -24.56 18.82
C SER C 65 -7.23 -25.33 19.00
N GLY C 66 -6.58 -25.11 20.14
CA GLY C 66 -5.33 -25.77 20.44
C GLY C 66 -4.12 -24.88 20.20
N SER C 67 -3.12 -24.98 21.08
CA SER C 67 -1.94 -24.15 20.99
C SER C 67 -0.71 -24.99 21.26
N GLY C 68 0.46 -24.40 21.00
CA GLY C 68 1.71 -25.09 21.25
C GLY C 68 2.12 -26.03 20.12
N THR C 69 2.04 -27.34 20.37
CA THR C 69 2.49 -28.32 19.38
C THR C 69 1.41 -29.39 19.16
N ASP C 70 0.28 -29.30 19.84
CA ASP C 70 -0.78 -30.28 19.71
C ASP C 70 -2.09 -29.56 19.45
N TYR C 71 -2.73 -29.88 18.32
CA TYR C 71 -3.82 -29.09 17.80
C TYR C 71 -4.97 -30.00 17.40
N SER C 72 -6.16 -29.42 17.33
CA SER C 72 -7.35 -30.15 16.89
C SER C 72 -8.41 -29.17 16.45
N LEU C 73 -9.21 -29.58 15.46
CA LEU C 73 -10.43 -28.87 15.09
C LEU C 73 -11.61 -29.78 15.43
N THR C 74 -12.78 -29.18 15.55
CA THR C 74 -13.95 -29.97 15.90
C THR C 74 -15.19 -29.43 15.19
N ILE C 75 -16.16 -30.31 15.01
CA ILE C 75 -17.48 -29.95 14.52
C ILE C 75 -18.46 -30.11 15.68
N SER C 76 -19.25 -29.07 15.94
CA SER C 76 -20.17 -29.10 17.08
C SER C 76 -21.31 -30.08 16.83
N ASN C 77 -22.08 -29.86 15.77
CA ASN C 77 -23.12 -30.78 15.35
C ASN C 77 -22.90 -31.12 13.89
N LEU C 78 -22.92 -32.41 13.58
CA LEU C 78 -22.54 -32.88 12.25
C LEU C 78 -23.64 -32.57 11.23
N GLU C 79 -23.30 -32.79 9.97
CA GLU C 79 -24.27 -32.76 8.88
C GLU C 79 -23.81 -33.77 7.85
N GLN C 80 -24.73 -34.15 6.96
CA GLN C 80 -24.41 -35.16 5.97
C GLN C 80 -23.56 -34.59 4.83
N GLU C 81 -23.45 -33.27 4.71
CA GLU C 81 -22.73 -32.69 3.58
C GLU C 81 -21.21 -32.74 3.80
N ASP C 82 -20.75 -32.50 5.02
CA ASP C 82 -19.31 -32.42 5.29
C ASP C 82 -18.79 -33.74 5.86
N ILE C 83 -18.80 -34.76 5.01
CA ILE C 83 -18.12 -36.01 5.28
C ILE C 83 -16.97 -36.08 4.27
N ALA C 84 -15.80 -35.63 4.69
CA ALA C 84 -14.67 -35.49 3.78
C ALA C 84 -13.39 -35.79 4.54
N THR C 85 -12.26 -35.60 3.86
CA THR C 85 -10.96 -35.82 4.45
C THR C 85 -10.37 -34.48 4.89
N TYR C 86 -9.73 -34.47 6.06
CA TYR C 86 -9.32 -33.22 6.69
C TYR C 86 -7.83 -33.19 6.90
N PHE C 87 -7.17 -32.16 6.37
CA PHE C 87 -5.72 -32.02 6.41
C PHE C 87 -5.32 -30.87 7.32
N CYS C 88 -4.28 -31.08 8.13
CA CYS C 88 -3.65 -30.01 8.90
C CYS C 88 -2.34 -29.67 8.21
N GLN C 89 -2.12 -28.40 7.93
CA GLN C 89 -0.96 -27.95 7.18
C GLN C 89 -0.05 -27.13 8.07
N GLN C 90 1.25 -27.30 7.89
CA GLN C 90 2.23 -26.50 8.60
C GLN C 90 2.63 -25.30 7.74
N GLY C 91 2.76 -24.14 8.39
CA GLY C 91 3.09 -22.94 7.64
C GLY C 91 4.15 -22.09 8.31
N THR C 92 4.85 -22.69 9.28
CA THR C 92 5.86 -21.95 10.04
C THR C 92 7.13 -21.75 9.23
N THR C 93 7.52 -22.77 8.47
CA THR C 93 8.87 -22.85 7.92
C THR C 93 8.79 -23.62 6.62
N LEU C 94 9.25 -22.99 5.57
CA LEU C 94 9.44 -23.62 4.28
C LEU C 94 10.53 -24.68 4.39
N PRO C 95 10.32 -25.87 3.81
CA PRO C 95 9.19 -26.40 3.03
C PRO C 95 7.94 -26.71 3.83
N TYR C 96 6.80 -26.30 3.30
CA TYR C 96 5.51 -26.63 3.90
C TYR C 96 5.28 -28.13 3.82
N THR C 97 4.45 -28.64 4.74
CA THR C 97 4.09 -30.04 4.70
C THR C 97 2.64 -30.19 5.15
N PHE C 98 2.09 -31.37 4.88
CA PHE C 98 0.69 -31.64 5.13
C PHE C 98 0.55 -32.90 5.97
N GLY C 99 -0.68 -33.16 6.42
CA GLY C 99 -0.98 -34.33 7.19
C GLY C 99 -1.48 -35.48 6.34
N GLY C 100 -1.71 -36.61 6.99
CA GLY C 100 -2.18 -37.79 6.29
C GLY C 100 -3.67 -37.78 6.01
N GLY C 101 -4.43 -37.08 6.85
CA GLY C 101 -5.86 -36.94 6.62
C GLY C 101 -6.68 -38.05 7.24
N THR C 102 -7.86 -37.70 7.76
CA THR C 102 -8.78 -38.65 8.34
C THR C 102 -10.03 -38.71 7.48
N LYS C 103 -10.39 -39.92 7.05
CA LYS C 103 -11.59 -40.11 6.25
C LYS C 103 -12.80 -40.26 7.14
N LEU C 104 -13.89 -39.60 6.77
CA LEU C 104 -15.12 -39.60 7.55
C LEU C 104 -16.19 -40.43 6.85
N GLU C 105 -17.00 -41.12 7.64
CA GLU C 105 -18.10 -41.92 7.13
C GLU C 105 -19.11 -42.09 8.26
N ILE C 106 -20.39 -42.22 7.89
CA ILE C 106 -21.46 -42.36 8.87
C ILE C 106 -21.31 -43.64 9.70
N LYS C 107 -21.91 -43.63 10.88
CA LYS C 107 -21.80 -44.74 11.83
C LYS C 107 -22.56 -45.97 11.35
N GLN D 1 -15.45 -13.25 -7.35
CA GLN D 1 -15.06 -14.66 -7.27
C GLN D 1 -13.69 -14.86 -7.89
N VAL D 2 -13.00 -15.93 -7.47
CA VAL D 2 -11.68 -16.27 -7.94
C VAL D 2 -11.64 -17.78 -8.16
N GLN D 3 -11.29 -18.19 -9.37
CA GLN D 3 -11.19 -19.61 -9.68
C GLN D 3 -9.83 -19.90 -10.29
N LEU D 4 -9.35 -21.11 -10.06
CA LEU D 4 -8.11 -21.59 -10.66
C LEU D 4 -8.47 -22.72 -11.62
N GLN D 5 -8.73 -22.37 -12.87
CA GLN D 5 -8.99 -23.38 -13.88
C GLN D 5 -7.72 -24.15 -14.19
N GLN D 6 -7.82 -25.47 -14.16
CA GLN D 6 -6.66 -26.32 -14.33
C GLN D 6 -6.95 -27.26 -15.50
N SER D 7 -5.91 -27.92 -16.00
CA SER D 7 -6.07 -28.76 -17.18
C SER D 7 -6.86 -30.03 -16.86
N GLY D 8 -7.29 -30.72 -17.90
CA GLY D 8 -8.00 -31.97 -17.74
C GLY D 8 -7.11 -33.14 -17.43
N ALA D 9 -7.59 -34.35 -17.67
CA ALA D 9 -6.75 -35.52 -17.48
C ALA D 9 -5.73 -35.61 -18.61
N GLU D 10 -4.65 -36.34 -18.35
CA GLU D 10 -3.64 -36.60 -19.38
C GLU D 10 -3.13 -38.02 -19.26
N LEU D 11 -2.53 -38.48 -20.35
CA LEU D 11 -1.81 -39.74 -20.41
C LEU D 11 -0.40 -39.45 -20.90
N ALA D 12 0.55 -40.28 -20.48
CA ALA D 12 1.94 -40.08 -20.86
C ALA D 12 2.63 -41.43 -21.02
N ARG D 13 3.87 -41.38 -21.46
CA ARG D 13 4.73 -42.53 -21.66
C ARG D 13 6.03 -42.32 -20.88
N PRO D 14 6.64 -43.39 -20.36
CA PRO D 14 7.80 -43.23 -19.49
C PRO D 14 9.03 -42.68 -20.21
N GLY D 15 9.80 -41.86 -19.50
CA GLY D 15 10.93 -41.17 -20.06
C GLY D 15 10.64 -39.83 -20.69
N ALA D 16 9.36 -39.47 -20.84
CA ALA D 16 8.97 -38.25 -21.53
C ALA D 16 8.71 -37.13 -20.51
N SER D 17 8.12 -36.04 -20.98
CA SER D 17 7.84 -34.88 -20.15
C SER D 17 6.47 -34.31 -20.49
N VAL D 18 5.78 -33.82 -19.46
CA VAL D 18 4.43 -33.31 -19.61
C VAL D 18 4.41 -31.86 -19.13
N LYS D 19 3.84 -30.98 -19.95
CA LYS D 19 3.68 -29.56 -19.63
C LYS D 19 2.25 -29.35 -19.13
N LEU D 20 2.10 -29.21 -17.82
CA LEU D 20 0.79 -28.99 -17.23
C LEU D 20 0.45 -27.50 -17.26
N SER D 21 -0.66 -27.13 -16.62
CA SER D 21 -1.11 -25.75 -16.65
C SER D 21 -1.94 -25.43 -15.42
N CYS D 22 -2.05 -24.14 -15.13
CA CYS D 22 -2.90 -23.65 -14.04
C CYS D 22 -3.31 -22.22 -14.39
N LYS D 23 -4.54 -22.02 -14.82
CA LYS D 23 -5.03 -20.72 -15.26
C LYS D 23 -5.64 -19.98 -14.08
N ALA D 24 -5.22 -18.74 -13.88
CA ALA D 24 -5.66 -17.92 -12.76
C ALA D 24 -6.44 -16.72 -13.27
N SER D 25 -7.67 -16.57 -12.78
CA SER D 25 -8.49 -15.45 -13.23
C SER D 25 -9.38 -15.00 -12.08
N GLY D 26 -9.55 -13.68 -11.96
CA GLY D 26 -10.36 -13.08 -10.93
C GLY D 26 -9.56 -12.31 -9.90
N TYR D 27 -8.25 -12.54 -9.81
CA TYR D 27 -7.40 -11.79 -8.90
C TYR D 27 -6.07 -11.51 -9.59
N THR D 28 -5.30 -10.60 -9.00
CA THR D 28 -4.07 -10.16 -9.63
C THR D 28 -3.01 -11.25 -9.52
N PHE D 29 -2.41 -11.60 -10.66
CA PHE D 29 -1.50 -12.73 -10.73
C PHE D 29 -0.06 -12.34 -10.41
N THR D 30 0.32 -11.11 -10.73
CA THR D 30 1.72 -10.69 -10.66
C THR D 30 2.18 -10.43 -9.24
N PHE D 31 1.27 -10.42 -8.26
CA PHE D 31 1.60 -9.93 -6.93
C PHE D 31 1.84 -11.03 -5.90
N TYR D 32 1.36 -12.24 -6.15
CA TYR D 32 1.35 -13.27 -5.13
C TYR D 32 1.98 -14.55 -5.65
N TRP D 33 2.27 -15.47 -4.73
CA TRP D 33 2.93 -16.71 -5.09
C TRP D 33 1.96 -17.67 -5.76
N MET D 34 2.45 -18.87 -6.05
CA MET D 34 1.64 -19.92 -6.64
C MET D 34 2.30 -21.25 -6.32
N GLN D 35 1.66 -22.05 -5.49
CA GLN D 35 2.24 -23.30 -5.01
C GLN D 35 1.70 -24.48 -5.80
N TRP D 36 2.50 -25.54 -5.86
CA TRP D 36 2.16 -26.73 -6.62
C TRP D 36 2.24 -27.95 -5.71
N LEU D 37 1.17 -28.72 -5.64
CA LEU D 37 1.07 -29.84 -4.72
C LEU D 37 0.77 -31.12 -5.47
N LYS D 38 1.38 -32.22 -4.99
CA LYS D 38 1.23 -33.53 -5.59
C LYS D 38 0.71 -34.51 -4.55
N GLN D 39 -0.36 -35.22 -4.89
CA GLN D 39 -1.00 -36.16 -3.98
C GLN D 39 -0.93 -37.56 -4.56
N ARG D 40 -0.23 -38.45 -3.86
CA ARG D 40 -0.29 -39.87 -4.18
C ARG D 40 -1.68 -40.40 -3.85
N PRO D 41 -2.12 -41.50 -4.50
CA PRO D 41 -3.47 -42.02 -4.20
C PRO D 41 -3.57 -42.63 -2.82
N GLY D 42 -4.23 -41.93 -1.91
CA GLY D 42 -4.41 -42.39 -0.55
C GLY D 42 -3.43 -41.85 0.46
N GLN D 43 -2.69 -40.79 0.14
CA GLN D 43 -1.70 -40.23 1.04
C GLN D 43 -1.87 -38.71 1.09
N GLY D 44 -1.13 -38.08 1.99
CA GLY D 44 -1.21 -36.65 2.14
C GLY D 44 -0.51 -35.90 1.03
N LEU D 45 -0.86 -34.63 0.91
CA LEU D 45 -0.24 -33.77 -0.08
C LEU D 45 1.22 -33.49 0.27
N GLU D 46 2.01 -33.20 -0.75
CA GLU D 46 3.41 -32.84 -0.56
C GLU D 46 3.71 -31.62 -1.40
N TRP D 47 4.58 -30.75 -0.89
CA TRP D 47 4.84 -29.46 -1.51
C TRP D 47 5.94 -29.61 -2.54
N ILE D 48 5.62 -29.40 -3.81
CA ILE D 48 6.62 -29.52 -4.87
C ILE D 48 7.47 -28.26 -4.94
N GLY D 49 6.83 -27.13 -5.22
CA GLY D 49 7.56 -25.89 -5.35
C GLY D 49 6.61 -24.74 -5.53
N ALA D 50 7.13 -23.54 -5.31
CA ALA D 50 6.35 -22.33 -5.44
C ALA D 50 7.03 -21.38 -6.40
N ILE D 51 6.22 -20.63 -7.13
CA ILE D 51 6.71 -19.70 -8.15
C ILE D 51 6.03 -18.36 -7.97
N TYR D 52 6.81 -17.28 -8.02
CA TYR D 52 6.31 -15.92 -7.97
C TYR D 52 6.32 -15.37 -9.40
N PRO D 53 5.16 -15.27 -10.06
CA PRO D 53 5.15 -14.91 -11.48
C PRO D 53 5.46 -13.45 -11.79
N GLY D 54 5.84 -12.67 -10.78
CA GLY D 54 6.23 -11.29 -11.04
C GLY D 54 7.54 -11.20 -11.79
N ASP D 55 8.51 -12.03 -11.43
CA ASP D 55 9.78 -12.08 -12.15
C ASP D 55 10.30 -13.50 -12.30
N GLY D 56 9.49 -14.52 -12.06
CA GLY D 56 9.90 -15.89 -12.27
C GLY D 56 10.75 -16.50 -11.18
N ASP D 57 10.79 -15.90 -9.99
CA ASP D 57 11.52 -16.47 -8.86
C ASP D 57 10.84 -17.77 -8.43
N THR D 58 11.67 -18.75 -8.07
CA THR D 58 11.16 -20.10 -7.83
C THR D 58 11.85 -20.68 -6.61
N ARG D 59 11.11 -21.48 -5.85
CA ARG D 59 11.63 -22.13 -4.65
C ARG D 59 11.15 -23.57 -4.63
N TYR D 60 12.07 -24.51 -4.82
CA TYR D 60 11.73 -25.93 -4.81
C TYR D 60 12.04 -26.54 -3.46
N THR D 61 11.56 -27.77 -3.27
CA THR D 61 11.91 -28.56 -2.10
C THR D 61 13.21 -29.29 -2.38
N GLN D 62 13.57 -30.24 -1.53
CA GLN D 62 14.81 -30.99 -1.74
C GLN D 62 14.60 -32.26 -2.56
N ARG D 63 13.41 -32.86 -2.45
CA ARG D 63 13.12 -34.07 -3.22
C ARG D 63 12.90 -33.78 -4.70
N PHE D 64 12.11 -32.76 -5.01
CA PHE D 64 11.68 -32.48 -6.37
C PHE D 64 12.58 -31.46 -7.06
N LYS D 65 13.86 -31.44 -6.72
CA LYS D 65 14.72 -30.39 -7.24
C LYS D 65 15.04 -30.56 -8.71
N ASP D 66 15.14 -31.80 -9.20
CA ASP D 66 15.51 -32.02 -10.59
C ASP D 66 14.41 -32.62 -11.45
N LYS D 67 13.28 -33.02 -10.86
CA LYS D 67 12.19 -33.57 -11.66
C LYS D 67 11.31 -32.46 -12.22
N ALA D 68 10.92 -31.52 -11.37
CA ALA D 68 10.05 -30.43 -11.80
C ALA D 68 10.85 -29.15 -12.04
N THR D 69 10.48 -28.44 -13.10
CA THR D 69 11.01 -27.11 -13.37
C THR D 69 9.84 -26.19 -13.65
N LEU D 70 9.72 -25.13 -12.86
CA LEU D 70 8.54 -24.27 -12.89
C LEU D 70 8.81 -23.01 -13.71
N THR D 71 7.80 -22.60 -14.46
CA THR D 71 7.87 -21.35 -15.22
C THR D 71 6.46 -20.80 -15.36
N ALA D 72 6.37 -19.51 -15.67
CA ALA D 72 5.06 -18.87 -15.79
C ALA D 72 5.13 -17.72 -16.77
N ASP D 73 3.99 -17.40 -17.35
CA ASP D 73 3.86 -16.31 -18.31
C ASP D 73 2.92 -15.29 -17.69
N LYS D 74 3.28 -14.01 -17.78
CA LYS D 74 2.54 -12.96 -17.08
C LYS D 74 1.22 -12.66 -17.77
N SER D 75 1.25 -12.44 -19.08
CA SER D 75 0.08 -11.94 -19.79
C SER D 75 -0.99 -13.01 -19.97
N SER D 76 -0.58 -14.28 -19.98
CA SER D 76 -1.55 -15.36 -20.11
C SER D 76 -2.23 -15.69 -18.79
N SER D 77 -1.66 -15.22 -17.68
CA SER D 77 -2.10 -15.52 -16.30
C SER D 77 -2.15 -17.02 -16.06
N THR D 78 -1.08 -17.70 -16.46
CA THR D 78 -0.96 -19.15 -16.29
C THR D 78 0.42 -19.47 -15.75
N ALA D 79 0.51 -20.58 -15.03
CA ALA D 79 1.77 -21.13 -14.55
C ALA D 79 1.98 -22.51 -15.17
N TYR D 80 3.24 -22.87 -15.36
CA TYR D 80 3.60 -24.09 -16.07
C TYR D 80 4.59 -24.88 -15.24
N ILE D 81 4.21 -26.09 -14.86
CA ILE D 81 5.15 -27.07 -14.32
C ILE D 81 5.41 -28.10 -15.40
N GLN D 82 6.68 -28.39 -15.65
CA GLN D 82 7.04 -29.42 -16.64
C GLN D 82 7.82 -30.50 -15.90
N LEU D 83 7.13 -31.59 -15.58
CA LEU D 83 7.77 -32.74 -14.96
C LEU D 83 8.72 -33.39 -15.94
N SER D 84 9.88 -33.81 -15.44
CA SER D 84 10.92 -34.36 -16.30
C SER D 84 11.39 -35.71 -15.78
N SER D 85 11.83 -36.54 -16.71
CA SER D 85 12.37 -37.88 -16.48
C SER D 85 11.37 -38.74 -15.70
N LEU D 86 10.21 -38.93 -16.30
CA LEU D 86 9.11 -39.60 -15.62
C LEU D 86 9.35 -41.10 -15.55
N ALA D 87 9.30 -41.64 -14.34
CA ALA D 87 9.29 -43.06 -14.09
C ALA D 87 7.87 -43.49 -13.79
N SER D 88 7.70 -44.74 -13.35
CA SER D 88 6.38 -45.27 -13.09
C SER D 88 5.76 -44.77 -11.79
N GLU D 89 6.52 -44.01 -10.98
CA GLU D 89 6.05 -43.61 -9.67
C GLU D 89 5.22 -42.33 -9.70
N ASP D 90 5.38 -41.51 -10.74
CA ASP D 90 4.76 -40.19 -10.78
C ASP D 90 3.28 -40.21 -11.16
N SER D 91 2.62 -41.36 -11.17
CA SER D 91 1.19 -41.40 -11.44
C SER D 91 0.44 -40.91 -10.21
N ALA D 92 0.06 -39.64 -10.21
CA ALA D 92 -0.54 -39.04 -9.02
C ALA D 92 -1.50 -37.93 -9.46
N VAL D 93 -2.00 -37.18 -8.50
CA VAL D 93 -2.87 -36.04 -8.74
C VAL D 93 -2.08 -34.78 -8.42
N TYR D 94 -2.11 -33.79 -9.30
CA TYR D 94 -1.33 -32.58 -9.15
C TYR D 94 -2.25 -31.38 -8.97
N TYR D 95 -2.18 -30.76 -7.79
CA TYR D 95 -2.97 -29.59 -7.44
C TYR D 95 -2.13 -28.35 -7.58
N CYS D 96 -2.71 -27.29 -8.14
CA CYS D 96 -2.11 -25.96 -8.08
C CYS D 96 -2.92 -25.12 -7.11
N ALA D 97 -2.24 -24.35 -6.27
CA ALA D 97 -2.93 -23.61 -5.22
C ALA D 97 -2.13 -22.37 -4.87
N GLY D 98 -2.83 -21.30 -4.53
CA GLY D 98 -2.18 -20.05 -4.21
C GLY D 98 -3.10 -19.15 -3.45
N GLY D 99 -2.52 -18.13 -2.83
CA GLY D 99 -3.30 -17.25 -1.98
C GLY D 99 -2.54 -15.97 -1.72
N GLU D 100 -3.24 -15.03 -1.08
CA GLU D 100 -2.70 -13.69 -0.91
C GLU D 100 -1.63 -13.66 0.17
N TYR D 101 -2.00 -14.00 1.40
CA TYR D 101 -1.06 -14.03 2.52
C TYR D 101 -0.79 -15.48 2.86
N ASP D 102 0.46 -15.91 2.66
CA ASP D 102 0.78 -17.33 2.72
C ASP D 102 0.91 -17.87 4.13
N ASN D 103 0.99 -16.99 5.13
CA ASN D 103 0.88 -17.48 6.50
C ASN D 103 -0.55 -17.90 6.81
N TYR D 104 -1.52 -17.20 6.26
CA TYR D 104 -2.93 -17.49 6.51
C TYR D 104 -3.50 -18.41 5.44
N GLY D 105 -2.79 -19.49 5.14
CA GLY D 105 -3.31 -20.54 4.27
C GLY D 105 -3.40 -20.24 2.78
N PHE D 106 -3.44 -21.31 1.99
CA PHE D 106 -3.64 -21.21 0.55
C PHE D 106 -5.14 -21.23 0.30
N ASP D 107 -5.69 -20.07 -0.08
CA ASP D 107 -7.14 -19.95 -0.18
C ASP D 107 -7.68 -20.58 -1.45
N TYR D 108 -7.07 -20.30 -2.59
CA TYR D 108 -7.60 -20.69 -3.89
C TYR D 108 -6.95 -21.99 -4.36
N TRP D 109 -7.78 -22.94 -4.77
CA TRP D 109 -7.33 -24.29 -5.12
C TRP D 109 -7.89 -24.69 -6.46
N GLY D 110 -7.09 -25.37 -7.27
CA GLY D 110 -7.56 -25.88 -8.53
C GLY D 110 -8.39 -27.13 -8.36
N GLN D 111 -8.90 -27.63 -9.49
CA GLN D 111 -9.69 -28.84 -9.47
C GLN D 111 -8.82 -30.07 -9.26
N GLY D 112 -7.59 -30.04 -9.75
CA GLY D 112 -6.71 -31.16 -9.58
C GLY D 112 -6.69 -32.08 -10.77
N THR D 113 -5.59 -32.05 -11.53
CA THR D 113 -5.44 -32.89 -12.70
C THR D 113 -4.69 -34.17 -12.32
N THR D 114 -4.86 -35.20 -13.13
CA THR D 114 -4.24 -36.50 -12.89
C THR D 114 -3.30 -36.85 -14.03
N LEU D 115 -2.38 -37.77 -13.75
CA LEU D 115 -1.36 -38.13 -14.72
C LEU D 115 -1.03 -39.61 -14.58
N THR D 116 -0.78 -40.27 -15.71
CA THR D 116 -0.41 -41.68 -15.73
C THR D 116 0.74 -41.88 -16.69
N VAL D 117 1.48 -42.97 -16.49
CA VAL D 117 2.62 -43.33 -17.33
C VAL D 117 2.52 -44.82 -17.70
N SER D 118 1.94 -45.10 -18.87
CA SER D 118 1.74 -46.48 -19.30
C SER D 118 2.09 -46.58 -20.78
N SER D 119 1.74 -47.70 -21.39
CA SER D 119 2.05 -47.96 -22.79
C SER D 119 0.86 -48.55 -23.53
N ASP E 1 20.44 0.70 26.60
CA ASP E 1 20.00 1.96 27.19
C ASP E 1 20.91 3.10 26.76
N ILE E 2 20.51 3.77 25.68
CA ILE E 2 21.25 4.94 25.22
C ILE E 2 20.94 6.12 26.14
N GLN E 3 21.86 7.07 26.21
CA GLN E 3 21.76 8.17 27.16
C GLN E 3 21.84 9.50 26.44
N MET E 4 21.16 10.49 26.99
CA MET E 4 21.20 11.85 26.48
C MET E 4 21.25 12.81 27.65
N THR E 5 22.37 13.51 27.79
CA THR E 5 22.59 14.42 28.90
C THR E 5 22.79 15.83 28.38
N GLN E 6 22.52 16.79 29.25
CA GLN E 6 22.74 18.20 28.94
C GLN E 6 23.89 18.71 29.79
N SER E 7 24.49 19.81 29.33
CA SER E 7 25.67 20.33 30.00
C SER E 7 25.32 21.04 31.28
N SER E 8 24.38 21.98 31.22
CA SER E 8 24.07 22.82 32.37
C SER E 8 22.64 22.57 32.82
N SER E 9 22.47 22.44 34.13
CA SER E 9 21.13 22.40 34.71
C SER E 9 20.58 23.80 34.93
N TYR E 10 21.44 24.76 35.22
CA TYR E 10 21.07 26.17 35.34
C TYR E 10 21.63 26.96 34.16
N LEU E 11 20.82 27.89 33.66
CA LEU E 11 21.30 28.87 32.70
C LEU E 11 20.43 30.10 32.88
N SER E 12 21.04 31.23 33.16
CA SER E 12 20.31 32.47 33.43
C SER E 12 20.66 33.51 32.39
N VAL E 13 19.71 33.81 31.51
CA VAL E 13 19.84 34.87 30.53
C VAL E 13 18.66 35.81 30.71
N SER E 14 18.94 37.11 30.77
CA SER E 14 17.91 38.10 31.03
C SER E 14 16.96 38.23 29.85
N LEU E 15 15.82 38.88 30.10
CA LEU E 15 14.74 38.96 29.12
C LEU E 15 15.16 39.83 27.95
N GLY E 16 14.93 39.34 26.74
CA GLY E 16 15.40 40.00 25.54
C GLY E 16 16.79 39.59 25.11
N GLY E 17 17.41 38.62 25.78
CA GLY E 17 18.73 38.17 25.40
C GLY E 17 18.71 37.14 24.29
N ARG E 18 19.55 36.12 24.39
CA ARG E 18 19.65 35.07 23.37
C ARG E 18 20.27 33.85 24.03
N VAL E 19 19.52 32.75 24.09
CA VAL E 19 19.93 31.59 24.84
C VAL E 19 20.40 30.49 23.91
N THR E 20 21.22 29.59 24.45
CA THR E 20 21.67 28.39 23.76
C THR E 20 21.61 27.23 24.75
N ILE E 21 20.73 26.27 24.49
CA ILE E 21 20.67 25.02 25.24
C ILE E 21 21.29 23.94 24.38
N THR E 22 22.11 23.09 24.99
CA THR E 22 22.75 22.00 24.26
C THR E 22 22.49 20.69 24.97
N CYS E 23 22.27 19.64 24.19
CA CYS E 23 22.19 18.28 24.73
C CYS E 23 23.12 17.38 23.92
N LYS E 24 24.09 16.78 24.59
CA LYS E 24 24.97 15.84 23.94
C LYS E 24 24.34 14.46 23.94
N ALA E 25 24.90 13.56 23.14
CA ALA E 25 24.39 12.19 23.02
C ALA E 25 25.47 11.22 23.45
N SER E 26 25.07 10.11 24.07
CA SER E 26 26.04 9.10 24.48
C SER E 26 26.55 8.33 23.28
N ASP E 27 25.63 7.75 22.51
CA ASP E 27 25.97 7.07 21.27
C ASP E 27 25.29 7.81 20.11
N HIS E 28 25.37 7.22 18.93
CA HIS E 28 24.91 7.90 17.73
C HIS E 28 23.40 7.79 17.57
N ILE E 29 22.75 8.92 17.36
CA ILE E 29 21.37 8.98 16.90
C ILE E 29 21.39 9.72 15.57
N ASN E 30 20.66 9.18 14.58
CA ASN E 30 20.79 9.67 13.22
C ASN E 30 20.28 11.10 13.05
N ASN E 31 18.98 11.29 13.16
CA ASN E 31 18.44 12.63 13.03
C ASN E 31 17.25 12.82 13.95
N TRP E 32 17.03 11.93 14.91
CA TRP E 32 15.73 11.78 15.57
C TRP E 32 15.86 12.44 16.94
N LEU E 33 15.16 13.54 17.14
CA LEU E 33 15.23 14.28 18.38
C LEU E 33 13.90 14.98 18.66
N ALA E 34 13.64 15.26 19.93
CA ALA E 34 12.46 16.02 20.29
C ALA E 34 12.76 16.87 21.49
N TRP E 35 12.05 17.99 21.61
CA TRP E 35 12.25 18.91 22.71
C TRP E 35 10.92 19.12 23.42
N TYR E 36 11.00 19.36 24.72
CA TYR E 36 9.80 19.54 25.52
C TYR E 36 9.96 20.76 26.40
N GLN E 37 8.86 21.14 27.05
CA GLN E 37 8.83 22.35 27.86
C GLN E 37 7.66 22.27 28.82
N GLN E 38 7.93 22.45 30.12
CA GLN E 38 6.87 22.42 31.11
C GLN E 38 7.05 23.52 32.14
N LYS E 39 6.07 24.41 32.22
CA LYS E 39 6.10 25.25 33.41
C LYS E 39 5.62 24.41 34.60
N PRO E 40 6.23 24.60 35.78
CA PRO E 40 5.82 23.84 36.96
C PRO E 40 4.35 23.97 37.30
N GLY E 41 3.71 22.83 37.49
CA GLY E 41 2.28 22.76 37.72
C GLY E 41 1.49 22.16 36.58
N ASN E 42 2.13 21.82 35.47
CA ASN E 42 1.48 21.30 34.28
C ASN E 42 2.23 20.06 33.81
N ALA E 43 1.87 19.61 32.62
CA ALA E 43 2.45 18.55 31.83
C ALA E 43 3.27 19.13 30.70
N PRO E 44 4.35 18.47 30.29
CA PRO E 44 5.18 18.99 29.19
C PRO E 44 4.45 18.95 27.86
N ARG E 45 4.88 19.83 26.96
CA ARG E 45 4.32 19.90 25.61
C ARG E 45 5.42 19.65 24.60
N LEU E 46 5.07 19.03 23.49
CA LEU E 46 6.03 18.80 22.42
C LEU E 46 6.39 20.12 21.76
N LEU E 47 7.68 20.35 21.55
CA LEU E 47 8.14 21.63 21.02
C LEU E 47 8.73 21.53 19.62
N ILE E 48 9.78 20.72 19.44
CA ILE E 48 10.48 20.60 18.16
C ILE E 48 10.51 19.12 17.80
N SER E 49 9.58 18.70 16.96
CA SER E 49 9.64 17.34 16.43
C SER E 49 10.73 17.26 15.39
N GLY E 50 11.56 16.24 15.45
CA GLY E 50 12.77 16.23 14.65
C GLY E 50 13.75 17.25 15.22
N VAL E 51 14.77 17.56 14.43
CA VAL E 51 15.75 18.53 14.91
C VAL E 51 15.29 19.96 14.65
N THR E 52 14.63 20.22 13.53
CA THR E 52 14.30 21.61 13.22
C THR E 52 12.90 21.81 12.66
N ASN E 53 12.02 20.82 12.74
CA ASN E 53 10.62 20.99 12.36
C ASN E 53 9.85 21.47 13.57
N LEU E 54 9.41 22.72 13.55
CA LEU E 54 8.64 23.26 14.66
C LEU E 54 7.23 22.68 14.65
N GLU E 55 6.73 22.37 15.84
CA GLU E 55 5.37 21.87 15.99
C GLU E 55 4.38 22.99 15.71
N THR E 56 3.31 22.68 14.99
CA THR E 56 2.37 23.72 14.58
C THR E 56 1.54 24.19 15.78
N GLY E 57 1.59 25.49 16.03
CA GLY E 57 0.96 26.05 17.21
C GLY E 57 1.97 26.51 18.24
N VAL E 58 3.11 27.05 17.79
CA VAL E 58 4.14 27.55 18.69
C VAL E 58 4.72 28.83 18.12
N PRO E 59 5.24 29.70 19.00
CA PRO E 59 6.02 30.84 18.50
C PRO E 59 7.24 30.40 17.71
N SER E 60 7.60 31.23 16.72
CA SER E 60 8.66 30.90 15.77
C SER E 60 10.03 31.40 16.20
N ARG E 61 10.24 31.65 17.48
CA ARG E 61 11.56 32.03 17.95
C ARG E 61 12.49 30.82 18.00
N PHE E 62 11.95 29.67 18.41
CA PHE E 62 12.75 28.47 18.59
C PHE E 62 13.17 27.89 17.25
N SER E 63 14.41 27.39 17.21
CA SER E 63 14.89 26.65 16.04
C SER E 63 16.05 25.78 16.48
N GLY E 64 15.85 24.47 16.47
CA GLY E 64 16.93 23.56 16.81
C GLY E 64 17.95 23.47 15.69
N SER E 65 19.14 23.01 16.03
CA SER E 65 20.22 22.89 15.07
C SER E 65 21.17 21.80 15.54
N GLY E 66 22.21 21.56 14.73
CA GLY E 66 23.20 20.56 15.04
C GLY E 66 22.82 19.18 14.53
N SER E 67 23.81 18.37 14.21
CA SER E 67 23.58 17.01 13.75
C SER E 67 24.65 16.11 14.31
N GLY E 68 24.60 14.84 13.92
CA GLY E 68 25.57 13.89 14.43
C GLY E 68 25.26 13.50 15.86
N LYS E 69 26.22 13.75 16.75
CA LYS E 69 25.99 13.51 18.17
C LYS E 69 25.51 14.76 18.89
N ASN E 70 26.17 15.89 18.63
CA ASN E 70 25.82 17.14 19.29
C ASN E 70 24.53 17.71 18.75
N PHE E 71 23.74 18.33 19.62
CA PHE E 71 22.48 18.95 19.25
C PHE E 71 22.27 20.19 20.10
N THR E 72 21.44 21.11 19.62
CA THR E 72 21.22 22.35 20.33
C THR E 72 19.84 22.90 20.04
N LEU E 73 19.54 24.04 20.66
CA LEU E 73 18.26 24.74 20.53
C LEU E 73 18.46 26.19 20.96
N SER E 74 18.00 27.12 20.13
CA SER E 74 18.17 28.54 20.40
C SER E 74 16.83 29.24 20.37
N ILE E 75 16.63 30.15 21.31
CA ILE E 75 15.48 31.04 21.34
C ILE E 75 15.96 32.41 20.89
N ALA E 76 15.11 33.14 20.16
CA ALA E 76 15.44 34.49 19.72
C ALA E 76 15.62 35.42 20.90
N SER E 77 14.56 35.62 21.69
CA SER E 77 14.60 36.44 22.89
C SER E 77 13.46 36.04 23.79
N LEU E 78 13.70 36.09 25.10
CA LEU E 78 12.77 35.54 26.06
C LEU E 78 11.55 36.44 26.24
N GLN E 79 10.53 35.87 26.87
CA GLN E 79 9.31 36.57 27.21
C GLN E 79 8.88 36.11 28.60
N THR E 80 7.62 36.38 28.95
CA THR E 80 7.14 36.03 30.28
C THR E 80 6.83 34.53 30.40
N GLU E 81 6.75 33.82 29.28
CA GLU E 81 6.35 32.41 29.34
C GLU E 81 7.52 31.45 29.19
N ASP E 82 8.64 31.91 28.64
CA ASP E 82 9.77 31.02 28.33
C ASP E 82 10.77 31.00 29.49
N VAL E 83 10.25 30.70 30.68
CA VAL E 83 11.06 30.64 31.89
C VAL E 83 10.98 29.25 32.48
N ALA E 84 10.63 28.28 31.66
CA ALA E 84 10.42 26.90 32.09
C ALA E 84 11.64 26.04 31.75
N THR E 85 11.59 24.79 32.18
CA THR E 85 12.67 23.88 31.86
C THR E 85 12.44 23.25 30.49
N TYR E 86 13.50 22.63 29.95
CA TYR E 86 13.50 22.10 28.59
C TYR E 86 14.17 20.73 28.59
N TYR E 87 13.47 19.72 28.11
CA TYR E 87 14.01 18.37 28.05
C TYR E 87 14.40 18.02 26.61
N CYS E 88 15.55 17.39 26.46
CA CYS E 88 16.04 16.93 25.17
C CYS E 88 15.89 15.42 25.08
N GLN E 89 15.11 14.94 24.11
CA GLN E 89 14.75 13.54 24.03
C GLN E 89 15.05 12.98 22.66
N GLN E 90 15.65 11.79 22.63
CA GLN E 90 15.79 11.03 21.40
C GLN E 90 14.67 10.01 21.29
N TYR E 91 14.52 9.45 20.11
CA TYR E 91 13.58 8.35 19.92
C TYR E 91 14.13 7.34 18.93
N TRP E 92 15.43 7.09 19.02
CA TRP E 92 16.10 6.20 18.08
C TRP E 92 16.29 4.79 18.62
N SER E 93 16.53 4.65 19.92
CA SER E 93 16.60 3.33 20.56
C SER E 93 15.23 2.99 21.14
N PHE E 94 15.13 1.86 21.88
CA PHE E 94 13.87 1.57 22.54
C PHE E 94 13.60 2.48 23.73
N PRO E 95 14.44 2.49 24.84
CA PRO E 95 14.03 3.30 25.98
C PRO E 95 14.30 4.76 25.70
N TRP E 96 13.24 5.50 25.41
CA TRP E 96 13.34 6.84 24.84
C TRP E 96 13.73 7.81 25.95
N THR E 97 15.02 7.80 26.28
CA THR E 97 15.50 8.51 27.46
C THR E 97 15.49 10.01 27.24
N PHE E 98 14.95 10.73 28.22
CA PHE E 98 14.96 12.17 28.22
C PHE E 98 16.31 12.68 28.71
N GLY E 99 16.38 13.98 29.00
CA GLY E 99 17.59 14.59 29.46
C GLY E 99 17.57 14.84 30.95
N GLY E 100 18.44 15.73 31.39
CA GLY E 100 18.48 16.16 32.77
C GLY E 100 17.66 17.41 32.98
N GLY E 101 17.44 18.16 31.92
CA GLY E 101 16.69 19.39 31.98
C GLY E 101 17.59 20.61 32.13
N THR E 102 17.01 21.78 31.86
CA THR E 102 17.74 23.04 31.95
C THR E 102 16.73 24.15 32.19
N LYS E 103 16.85 24.84 33.32
CA LYS E 103 15.90 25.87 33.71
C LYS E 103 16.46 27.24 33.35
N LEU E 104 15.60 28.09 32.77
CA LEU E 104 15.97 29.43 32.38
C LEU E 104 15.29 30.42 33.33
N GLU E 105 16.00 30.81 34.38
CA GLU E 105 15.48 31.77 35.33
C GLU E 105 16.07 33.15 35.06
N ILE E 106 15.27 34.17 35.32
CA ILE E 106 15.60 35.54 34.94
C ILE E 106 16.62 36.11 35.93
N ARG E 107 17.67 36.73 35.39
CA ARG E 107 18.64 37.43 36.22
C ARG E 107 18.37 38.94 36.25
N GLU F 1 -11.14 18.29 19.96
CA GLU F 1 -10.17 18.33 21.03
C GLU F 1 -9.88 16.93 21.55
N ILE F 2 -8.67 16.72 22.06
CA ILE F 2 -8.24 15.42 22.56
C ILE F 2 -8.10 15.56 24.08
N GLN F 3 -8.99 14.92 24.81
CA GLN F 3 -9.06 15.03 26.26
C GLN F 3 -8.72 13.71 26.90
N LEU F 4 -7.55 13.65 27.55
CA LEU F 4 -7.20 12.56 28.45
C LEU F 4 -7.25 13.07 29.88
N GLN F 5 -7.75 12.22 30.79
CA GLN F 5 -7.79 12.60 32.20
C GLN F 5 -7.61 11.34 33.05
N GLN F 6 -6.76 11.43 34.05
CA GLN F 6 -6.50 10.32 34.94
C GLN F 6 -7.45 10.42 36.14
N SER F 7 -7.18 9.63 37.18
CA SER F 7 -7.97 9.74 38.39
C SER F 7 -7.45 10.89 39.25
N GLY F 8 -7.97 10.97 40.48
CA GLY F 8 -7.52 11.96 41.42
C GLY F 8 -6.19 11.60 42.03
N PRO F 9 -5.73 12.43 42.97
CA PRO F 9 -4.49 12.12 43.68
C PRO F 9 -4.64 10.90 44.57
N GLU F 10 -3.57 10.14 44.68
CA GLU F 10 -3.58 8.88 45.43
C GLU F 10 -2.53 8.92 46.53
N LEU F 11 -2.69 8.01 47.48
CA LEU F 11 -1.77 7.85 48.59
C LEU F 11 -1.88 6.42 49.11
N VAL F 12 -0.75 5.85 49.52
CA VAL F 12 -0.72 4.46 49.93
C VAL F 12 0.44 4.25 50.88
N ALA F 13 0.31 3.27 51.76
CA ALA F 13 1.40 2.78 52.58
C ALA F 13 2.28 1.86 51.76
N PRO F 14 3.57 1.74 52.09
CA PRO F 14 4.47 0.87 51.32
C PRO F 14 4.09 -0.60 51.40
N GLY F 15 4.56 -1.36 50.43
CA GLY F 15 4.29 -2.77 50.36
C GLY F 15 2.95 -3.13 49.74
N ALA F 16 2.23 -2.17 49.17
CA ALA F 16 0.90 -2.41 48.64
C ALA F 16 0.90 -2.30 47.12
N SER F 17 -0.29 -2.38 46.53
CA SER F 17 -0.49 -2.30 45.09
C SER F 17 -1.53 -1.24 44.78
N VAL F 18 -1.25 -0.41 43.77
CA VAL F 18 -2.12 0.69 43.38
C VAL F 18 -2.56 0.47 41.94
N LYS F 19 -3.76 0.92 41.62
CA LYS F 19 -4.26 0.99 40.25
C LYS F 19 -4.73 2.41 39.97
N VAL F 20 -4.29 2.98 38.85
CA VAL F 20 -4.69 4.32 38.44
C VAL F 20 -5.05 4.29 36.96
N SER F 21 -6.19 4.89 36.63
CA SER F 21 -6.74 4.86 35.28
C SER F 21 -6.32 6.08 34.48
N CYS F 22 -6.63 6.04 33.19
CA CYS F 22 -6.41 7.18 32.29
C CYS F 22 -7.46 7.05 31.19
N LYS F 23 -8.53 7.83 31.31
CA LYS F 23 -9.67 7.70 30.41
C LYS F 23 -9.44 8.54 29.14
N ALA F 24 -9.53 7.88 27.99
CA ALA F 24 -9.35 8.55 26.72
C ALA F 24 -10.69 8.93 26.11
N SER F 25 -10.76 10.13 25.56
CA SER F 25 -12.01 10.63 25.01
C SER F 25 -11.71 11.71 23.98
N GLY F 26 -12.30 11.58 22.79
CA GLY F 26 -12.18 12.61 21.78
C GLY F 26 -11.61 12.14 20.46
N TYR F 27 -11.39 10.84 20.31
CA TYR F 27 -10.85 10.28 19.08
C TYR F 27 -11.25 8.80 19.01
N ALA F 28 -10.64 8.07 18.08
CA ALA F 28 -10.85 6.63 17.95
C ALA F 28 -9.75 5.93 18.73
N PHE F 29 -10.12 5.31 19.85
CA PHE F 29 -9.13 4.81 20.81
C PHE F 29 -8.34 3.62 20.30
N THR F 30 -8.88 2.87 19.34
CA THR F 30 -8.15 1.71 18.85
C THR F 30 -7.02 2.06 17.89
N SER F 31 -6.75 3.35 17.65
CA SER F 31 -5.74 3.76 16.68
C SER F 31 -4.38 4.00 17.32
N TYR F 32 -4.29 4.95 18.25
CA TYR F 32 -3.01 5.33 18.80
C TYR F 32 -2.61 4.40 19.94
N ASN F 33 -1.35 4.52 20.37
CA ASN F 33 -0.89 3.76 21.50
C ASN F 33 -1.31 4.45 22.80
N MET F 34 -0.81 3.92 23.92
CA MET F 34 -0.93 4.59 25.21
C MET F 34 0.40 4.41 25.92
N TYR F 35 1.10 5.51 26.15
CA TYR F 35 2.40 5.47 26.78
C TYR F 35 2.25 5.81 28.26
N TRP F 36 3.30 5.57 29.04
CA TRP F 36 3.22 5.81 30.48
C TRP F 36 4.62 6.22 30.94
N VAL F 37 4.78 7.48 31.29
CA VAL F 37 6.07 7.95 31.77
C VAL F 37 5.98 8.23 33.26
N ARG F 38 7.14 8.28 33.89
CA ARG F 38 7.27 8.46 35.34
C ARG F 38 8.12 9.69 35.57
N GLN F 39 7.75 10.49 36.57
CA GLN F 39 8.48 11.72 36.87
C GLN F 39 8.47 11.94 38.38
N SER F 40 9.64 11.81 39.00
CA SER F 40 9.75 12.14 40.41
C SER F 40 9.77 13.66 40.60
N HIS F 41 9.77 14.09 41.85
CA HIS F 41 9.60 15.50 42.16
C HIS F 41 10.83 16.30 41.77
N GLY F 42 10.68 17.16 40.76
CA GLY F 42 11.76 18.00 40.29
C GLY F 42 12.88 17.24 39.63
N LYS F 43 12.57 16.13 38.98
CA LYS F 43 13.57 15.22 38.45
C LYS F 43 13.32 15.03 36.95
N SER F 44 14.01 14.06 36.37
CA SER F 44 13.88 13.75 34.95
C SER F 44 12.60 12.97 34.70
N LEU F 45 12.45 12.50 33.47
CA LEU F 45 11.31 11.70 33.08
C LEU F 45 11.77 10.31 32.67
N GLU F 46 11.13 9.30 33.22
CA GLU F 46 11.57 7.93 33.07
C GLU F 46 10.42 7.09 32.55
N TRP F 47 10.73 6.15 31.67
CA TRP F 47 9.70 5.39 30.98
C TRP F 47 9.22 4.19 31.80
N ILE F 48 8.01 3.75 31.48
CA ILE F 48 7.48 2.48 31.95
C ILE F 48 7.23 1.52 30.79
N GLY F 49 6.63 2.00 29.72
CA GLY F 49 6.39 1.17 28.56
C GLY F 49 5.23 1.72 27.75
N TYR F 50 4.61 0.84 26.96
CA TYR F 50 3.46 1.24 26.17
C TYR F 50 2.58 0.01 25.95
N ILE F 51 1.41 0.26 25.37
CA ILE F 51 0.39 -0.77 25.23
C ILE F 51 -0.43 -0.49 23.99
N VAL F 52 -0.58 -1.50 23.13
CA VAL F 52 -1.44 -1.37 21.96
C VAL F 52 -2.87 -1.66 22.38
N PRO F 53 -3.84 -0.84 22.00
CA PRO F 53 -5.19 -0.98 22.55
C PRO F 53 -5.97 -2.20 22.06
N TYR F 54 -5.98 -2.45 20.75
CA TYR F 54 -6.81 -3.52 20.22
C TYR F 54 -6.22 -4.89 20.52
N ASN F 55 -4.89 -5.00 20.58
CA ASN F 55 -4.22 -6.28 20.70
C ASN F 55 -3.90 -6.62 22.15
N GLY F 56 -3.60 -5.62 22.96
CA GLY F 56 -3.23 -5.84 24.34
C GLY F 56 -1.79 -6.24 24.55
N GLY F 57 -0.99 -6.29 23.49
CA GLY F 57 0.42 -6.61 23.66
C GLY F 57 1.16 -5.47 24.32
N THR F 58 2.08 -5.83 25.22
CA THR F 58 2.77 -4.85 26.03
C THR F 58 4.27 -4.96 25.81
N THR F 59 4.98 -3.94 26.27
CA THR F 59 6.44 -3.93 26.31
C THR F 59 6.84 -3.00 27.45
N TYR F 60 7.71 -3.49 28.32
CA TYR F 60 8.11 -2.71 29.50
C TYR F 60 9.58 -2.39 29.42
N ASN F 61 9.94 -1.21 29.92
CA ASN F 61 11.33 -0.95 30.27
C ASN F 61 11.70 -1.89 31.40
N GLN F 62 12.91 -2.46 31.33
CA GLN F 62 13.27 -3.53 32.25
C GLN F 62 13.55 -3.05 33.67
N GLU F 63 13.47 -1.76 33.94
CA GLU F 63 13.46 -1.28 35.31
C GLU F 63 12.19 -1.69 36.03
N PHE F 64 11.07 -1.76 35.32
CA PHE F 64 9.75 -1.94 35.93
C PHE F 64 9.11 -3.27 35.53
N LYS F 65 9.89 -4.34 35.44
CA LYS F 65 9.35 -5.59 34.91
C LYS F 65 8.42 -6.28 35.88
N GLY F 66 8.66 -6.16 37.18
CA GLY F 66 7.83 -6.81 38.16
C GLY F 66 7.03 -5.84 39.00
N LYS F 67 6.93 -4.60 38.54
CA LYS F 67 6.25 -3.57 39.32
C LYS F 67 4.97 -3.06 38.67
N ALA F 68 4.85 -3.15 37.35
CA ALA F 68 3.68 -2.60 36.67
C ALA F 68 3.18 -3.55 35.59
N THR F 69 1.90 -3.89 35.63
CA THR F 69 1.27 -4.72 34.61
C THR F 69 0.25 -3.87 33.87
N LEU F 70 0.57 -3.52 32.63
CA LEU F 70 -0.30 -2.68 31.83
C LEU F 70 -1.47 -3.47 31.27
N THR F 71 -2.62 -2.82 31.22
CA THR F 71 -3.82 -3.41 30.66
C THR F 71 -4.69 -2.29 30.12
N VAL F 72 -5.78 -2.66 29.46
CA VAL F 72 -6.65 -1.68 28.81
C VAL F 72 -8.04 -2.29 28.69
N ASP F 73 -9.04 -1.42 28.58
CA ASP F 73 -10.44 -1.82 28.46
C ASP F 73 -11.02 -1.12 27.24
N LYS F 74 -11.22 -1.87 26.15
CA LYS F 74 -11.61 -1.28 24.89
C LYS F 74 -13.07 -0.83 24.84
N SER F 75 -13.88 -1.22 25.82
CA SER F 75 -15.32 -0.95 25.74
C SER F 75 -15.62 0.53 25.98
N SER F 76 -15.11 1.08 27.07
CA SER F 76 -15.38 2.47 27.42
C SER F 76 -14.14 3.35 27.37
N ASN F 77 -13.11 2.91 26.64
CA ASN F 77 -11.93 3.69 26.26
C ASN F 77 -11.14 4.14 27.49
N THR F 78 -10.78 3.17 28.33
CA THR F 78 -10.08 3.46 29.58
C THR F 78 -8.81 2.62 29.66
N ALA F 79 -7.67 3.26 29.84
CA ALA F 79 -6.39 2.59 29.98
C ALA F 79 -5.96 2.60 31.44
N TYR F 80 -5.30 1.51 31.86
CA TYR F 80 -4.91 1.34 33.25
C TYR F 80 -3.41 1.06 33.34
N ILE F 81 -2.87 1.28 34.53
CA ILE F 81 -1.57 0.76 34.93
C ILE F 81 -1.70 0.24 36.36
N HIS F 82 -1.37 -1.02 36.56
CA HIS F 82 -1.58 -1.70 37.83
C HIS F 82 -0.23 -1.84 38.52
N LEU F 83 0.07 -0.89 39.40
CA LEU F 83 1.34 -0.89 40.12
C LEU F 83 1.36 -2.02 41.14
N ASN F 84 2.47 -2.75 41.20
CA ASN F 84 2.60 -3.90 42.09
C ASN F 84 3.92 -3.83 42.85
N SER F 85 3.92 -4.39 44.06
CA SER F 85 5.08 -4.43 44.96
C SER F 85 5.65 -3.04 45.25
N LEU F 86 4.77 -2.05 45.38
CA LEU F 86 5.19 -0.67 45.42
C LEU F 86 5.79 -0.33 46.78
N THR F 87 6.79 0.55 46.76
CA THR F 87 7.47 1.00 47.96
C THR F 87 7.70 2.51 47.85
N SER F 88 8.46 3.07 48.79
CA SER F 88 8.82 4.48 48.71
C SER F 88 9.86 4.61 47.63
N GLU F 89 10.25 5.84 47.27
CA GLU F 89 11.18 6.10 46.15
C GLU F 89 10.39 5.96 44.86
N ASP F 90 9.08 5.75 45.00
CA ASP F 90 8.22 5.66 43.86
C ASP F 90 7.38 6.90 43.90
N SER F 91 7.52 7.69 44.96
CA SER F 91 6.65 8.85 45.07
C SER F 91 6.87 9.77 43.88
N ALA F 92 5.93 9.77 42.94
CA ALA F 92 6.15 10.43 41.66
C ALA F 92 4.82 10.63 40.96
N VAL F 93 4.81 11.54 39.98
CA VAL F 93 3.64 11.68 39.14
C VAL F 93 3.74 10.74 37.94
N TYR F 94 2.59 10.31 37.45
CA TYR F 94 2.53 9.28 36.41
C TYR F 94 1.65 9.78 35.28
N TYR F 95 2.26 10.17 34.17
CA TYR F 95 1.53 10.72 33.03
C TYR F 95 1.22 9.61 32.03
N CYS F 96 0.03 9.69 31.43
CA CYS F 96 -0.30 8.86 30.29
C CYS F 96 -0.24 9.72 29.03
N ALA F 97 0.42 9.21 28.01
CA ALA F 97 0.69 10.01 26.83
C ALA F 97 0.42 9.20 25.57
N LYS F 98 0.21 9.91 24.46
CA LYS F 98 0.06 9.30 23.16
C LYS F 98 0.86 10.08 22.14
N GLU F 99 1.05 9.49 20.97
CA GLU F 99 1.83 10.17 19.94
C GLU F 99 1.00 11.23 19.26
N GLY F 100 1.67 12.04 18.44
CA GLY F 100 0.99 13.12 17.75
C GLY F 100 0.02 12.59 16.70
N THR F 101 -1.01 13.37 16.42
CA THR F 101 -2.05 12.88 15.52
C THR F 101 -1.61 12.88 14.06
N TYR F 102 -0.53 13.60 13.73
CA TYR F 102 0.00 13.63 12.38
C TYR F 102 1.49 13.38 12.32
N TYR F 103 2.13 12.97 13.41
CA TYR F 103 3.55 12.72 13.34
C TYR F 103 3.86 11.27 13.03
N GLY F 104 3.48 10.36 13.92
CA GLY F 104 3.52 8.95 13.63
C GLY F 104 4.74 8.20 14.13
N TYR F 105 5.75 8.89 14.66
CA TYR F 105 6.87 8.18 15.25
C TYR F 105 6.47 7.53 16.57
N ASP F 106 7.37 6.70 17.10
CA ASP F 106 7.01 5.92 18.28
C ASP F 106 7.04 6.78 19.55
N GLY F 107 8.22 7.25 19.92
CA GLY F 107 8.38 7.80 21.25
C GLY F 107 7.92 9.24 21.44
N VAL F 108 7.61 9.93 20.34
CA VAL F 108 7.28 11.35 20.43
C VAL F 108 5.89 11.50 21.00
N LEU F 109 5.80 12.05 22.21
CA LEU F 109 4.52 12.26 22.87
C LEU F 109 4.04 13.68 22.63
N ALA F 110 2.75 13.81 22.31
CA ALA F 110 2.21 15.14 22.02
C ALA F 110 0.84 15.37 22.63
N ASP F 111 0.34 14.48 23.46
CA ASP F 111 -0.95 14.67 24.12
C ASP F 111 -0.88 13.98 25.48
N TRP F 112 -0.95 14.77 26.54
CA TRP F 112 -0.71 14.27 27.89
C TRP F 112 -1.97 14.43 28.71
N GLY F 113 -2.04 13.66 29.80
CA GLY F 113 -3.12 13.77 30.75
C GLY F 113 -2.82 14.82 31.80
N GLN F 114 -3.67 14.84 32.83
CA GLN F 114 -3.45 15.77 33.93
C GLN F 114 -2.29 15.30 34.80
N GLY F 115 -2.42 14.11 35.37
CA GLY F 115 -1.33 13.61 36.19
C GLY F 115 -1.85 13.16 37.55
N THR F 116 -1.53 11.93 37.90
CA THR F 116 -1.82 11.42 39.22
C THR F 116 -0.59 11.63 40.11
N LEU F 117 -0.69 11.17 41.36
CA LEU F 117 0.43 11.28 42.29
C LEU F 117 0.33 10.15 43.29
N VAL F 118 1.46 9.55 43.63
CA VAL F 118 1.52 8.45 44.58
C VAL F 118 2.56 8.77 45.65
N THR F 119 2.45 8.05 46.77
CA THR F 119 3.39 8.19 47.87
C THR F 119 4.19 6.91 48.08
N THR G 1 27.90 -3.36 -4.05
CA THR G 1 28.12 -3.78 -5.43
C THR G 1 26.82 -3.96 -6.21
N ASN G 2 25.74 -4.32 -5.51
CA ASN G 2 24.42 -4.47 -6.10
C ASN G 2 23.42 -3.89 -5.11
N LEU G 3 23.14 -2.60 -5.24
CA LEU G 3 22.27 -1.91 -4.30
C LEU G 3 20.83 -2.15 -4.73
N CYS G 4 19.97 -2.47 -3.76
CA CYS G 4 18.58 -2.87 -4.02
C CYS G 4 17.79 -1.70 -4.60
N PRO G 5 16.75 -1.97 -5.39
CA PRO G 5 15.99 -0.87 -6.02
C PRO G 5 15.03 -0.17 -5.06
N PHE G 6 15.57 0.44 -4.01
CA PHE G 6 14.78 1.38 -3.23
C PHE G 6 14.70 2.72 -3.93
N GLY G 7 15.63 2.98 -4.85
CA GLY G 7 15.66 4.26 -5.54
C GLY G 7 14.62 4.35 -6.65
N GLU G 8 13.91 3.25 -6.91
CA GLU G 8 12.82 3.32 -7.87
C GLU G 8 11.49 3.52 -7.17
N VAL G 9 11.20 2.73 -6.14
CA VAL G 9 9.86 2.71 -5.59
C VAL G 9 9.61 3.88 -4.64
N PHE G 10 10.65 4.48 -4.09
CA PHE G 10 10.46 5.56 -3.12
C PHE G 10 10.41 6.91 -3.80
N ASN G 11 11.21 7.09 -4.84
CA ASN G 11 11.28 8.38 -5.52
C ASN G 11 10.56 8.41 -6.84
N ALA G 12 9.57 7.55 -7.01
CA ALA G 12 8.76 7.57 -8.24
C ALA G 12 8.00 8.86 -8.47
N THR G 13 7.50 9.05 -9.69
CA THR G 13 6.80 10.27 -10.06
C THR G 13 5.28 10.16 -9.97
N LYS G 14 4.71 8.96 -9.98
CA LYS G 14 3.27 8.79 -9.79
C LYS G 14 3.02 7.52 -9.00
N PHE G 15 2.71 7.67 -7.71
CA PHE G 15 2.23 6.55 -6.96
C PHE G 15 0.81 6.19 -7.39
N PRO G 16 0.47 4.91 -7.45
CA PRO G 16 -0.89 4.52 -7.78
C PRO G 16 -1.82 4.82 -6.63
N SER G 17 -3.10 4.95 -6.96
CA SER G 17 -4.08 5.24 -5.93
C SER G 17 -4.33 4.01 -5.07
N VAL G 18 -5.01 4.21 -3.95
CA VAL G 18 -5.04 3.20 -2.91
C VAL G 18 -5.99 2.04 -3.23
N TYR G 19 -6.88 2.19 -4.22
CA TYR G 19 -7.68 1.04 -4.58
C TYR G 19 -6.91 0.06 -5.44
N ALA G 20 -5.83 0.51 -6.05
CA ALA G 20 -5.07 -0.28 -7.02
C ALA G 20 -3.58 -0.17 -6.73
N TRP G 21 -3.19 -0.42 -5.49
CA TRP G 21 -1.80 -0.34 -5.08
C TRP G 21 -0.94 -1.38 -5.77
N GLU G 22 0.31 -1.03 -6.05
CA GLU G 22 1.25 -1.94 -6.69
C GLU G 22 2.20 -2.55 -5.68
N ARG G 23 3.08 -3.42 -6.18
CA ARG G 23 4.02 -4.15 -5.34
C ARG G 23 5.23 -4.53 -6.17
N LYS G 24 6.43 -4.28 -5.63
CA LYS G 24 7.67 -4.59 -6.31
C LYS G 24 8.52 -5.47 -5.42
N LYS G 25 8.66 -6.74 -5.80
CA LYS G 25 9.49 -7.67 -5.03
C LYS G 25 10.97 -7.34 -5.22
N ILE G 26 11.69 -7.32 -4.11
CA ILE G 26 13.10 -6.95 -4.10
C ILE G 26 13.91 -8.10 -3.48
N SER G 27 14.87 -8.62 -4.22
CA SER G 27 15.71 -9.70 -3.69
C SER G 27 17.04 -9.74 -4.39
N ASN G 28 17.97 -10.45 -3.75
CA ASN G 28 19.32 -10.77 -4.25
C ASN G 28 20.11 -9.48 -4.55
N CYS G 29 20.30 -8.70 -3.50
CA CYS G 29 21.05 -7.45 -3.59
C CYS G 29 21.58 -7.14 -2.19
N VAL G 30 22.05 -5.91 -1.97
CA VAL G 30 22.32 -5.41 -0.64
C VAL G 30 21.46 -4.18 -0.41
N ALA G 31 20.76 -4.16 0.73
CA ALA G 31 19.83 -3.09 1.05
C ALA G 31 20.56 -2.03 1.85
N ASP G 32 20.43 -0.78 1.43
CA ASP G 32 21.18 0.30 2.07
C ASP G 32 20.63 0.61 3.45
N TYR G 33 19.32 0.81 3.56
CA TYR G 33 18.57 1.10 4.78
C TYR G 33 19.07 2.35 5.53
N SER G 34 19.82 3.23 4.86
CA SER G 34 20.42 4.38 5.51
C SER G 34 20.05 5.70 4.85
N VAL G 35 19.45 5.68 3.67
CA VAL G 35 18.99 6.91 3.04
C VAL G 35 17.57 7.26 3.47
N LEU G 36 16.86 6.35 4.12
CA LEU G 36 15.52 6.59 4.62
C LEU G 36 15.49 6.82 6.13
N TYR G 37 16.60 7.30 6.69
CA TYR G 37 16.62 7.58 8.12
C TYR G 37 16.48 9.05 8.40
N ASN G 38 16.24 9.85 7.37
CA ASN G 38 16.02 11.29 7.56
C ASN G 38 14.75 11.41 8.36
N SER G 39 14.77 12.22 9.42
CA SER G 39 13.62 12.28 10.30
C SER G 39 12.73 13.48 10.05
N THR G 40 13.18 14.40 9.19
CA THR G 40 12.34 15.53 8.87
C THR G 40 11.80 15.46 7.44
N PHE G 41 12.17 14.42 6.69
CA PHE G 41 11.59 14.18 5.37
C PHE G 41 10.37 13.28 5.48
N PHE G 42 10.54 12.09 6.05
CA PHE G 42 9.43 11.19 6.28
C PHE G 42 8.61 11.68 7.46
N SER G 43 7.47 11.04 7.68
CA SER G 43 6.70 11.36 8.87
C SER G 43 6.57 10.17 9.81
N THR G 44 5.93 9.09 9.37
CA THR G 44 5.63 7.98 10.26
C THR G 44 6.77 7.04 10.66
N PHE G 45 7.24 6.21 9.74
CA PHE G 45 8.30 5.24 10.06
C PHE G 45 8.02 4.32 11.25
N LYS G 46 6.84 3.76 11.36
CA LYS G 46 6.57 2.94 12.54
C LYS G 46 6.65 1.45 12.20
N CYS G 47 7.49 0.63 12.85
CA CYS G 47 7.59 -0.75 12.56
C CYS G 47 7.28 -1.72 13.62
N TYR G 48 6.57 -2.78 13.21
CA TYR G 48 6.07 -3.78 14.11
C TYR G 48 6.87 -5.04 13.94
N GLY G 49 7.03 -5.81 15.00
CA GLY G 49 7.73 -7.08 14.91
C GLY G 49 9.23 -6.96 15.03
N VAL G 50 9.82 -6.00 14.31
CA VAL G 50 11.26 -5.77 14.38
C VAL G 50 11.50 -4.36 14.86
N SER G 51 12.70 -4.10 15.35
CA SER G 51 13.07 -2.76 15.74
C SER G 51 13.50 -1.98 14.50
N ALA G 52 13.77 -0.69 14.70
CA ALA G 52 14.25 0.16 13.60
C ALA G 52 15.77 0.23 13.56
N THR G 53 16.41 -0.93 13.59
CA THR G 53 17.87 -1.06 13.42
C THR G 53 18.16 -2.20 12.46
N LYS G 54 17.48 -2.22 11.33
CA LYS G 54 17.50 -3.36 10.43
C LYS G 54 18.73 -3.41 9.54
N LEU G 55 19.73 -2.56 9.76
CA LEU G 55 20.94 -2.63 8.96
C LEU G 55 21.80 -3.84 9.30
N ASN G 56 21.62 -4.42 10.49
CA ASN G 56 22.46 -5.54 10.92
C ASN G 56 21.86 -6.89 10.54
N ASP G 57 20.63 -7.16 10.97
CA ASP G 57 20.01 -8.44 10.66
C ASP G 57 19.60 -8.49 9.19
N LEU G 58 19.91 -9.61 8.53
CA LEU G 58 19.68 -9.76 7.11
C LEU G 58 18.38 -10.53 6.90
N CYS G 59 17.26 -9.87 7.22
CA CYS G 59 15.92 -10.43 6.99
C CYS G 59 15.58 -10.36 5.51
N PHE G 60 16.23 -11.23 4.74
CA PHE G 60 16.42 -11.00 3.32
C PHE G 60 16.00 -12.18 2.47
N SER G 61 14.83 -12.76 2.74
CA SER G 61 14.27 -13.71 1.80
C SER G 61 13.66 -12.97 0.62
N ASN G 62 12.65 -12.15 0.88
CA ASN G 62 12.12 -11.16 -0.05
C ASN G 62 11.65 -9.98 0.79
N VAL G 63 11.51 -8.83 0.15
CA VAL G 63 10.91 -7.66 0.78
C VAL G 63 9.90 -7.05 -0.19
N TYR G 64 8.62 -7.19 0.14
CA TYR G 64 7.56 -6.68 -0.72
C TYR G 64 7.27 -5.23 -0.33
N ALA G 65 7.28 -4.34 -1.31
CA ALA G 65 7.16 -2.91 -1.07
C ALA G 65 5.89 -2.38 -1.75
N ASP G 66 4.77 -2.45 -1.05
CA ASP G 66 3.54 -1.84 -1.54
C ASP G 66 3.61 -0.33 -1.40
N SER G 67 2.82 0.37 -2.21
CA SER G 67 2.88 1.83 -2.22
C SER G 67 1.59 2.40 -2.78
N PHE G 68 1.08 3.44 -2.13
CA PHE G 68 -0.16 4.08 -2.54
C PHE G 68 -0.19 5.52 -2.02
N VAL G 69 -1.32 6.20 -2.20
CA VAL G 69 -1.49 7.58 -1.75
C VAL G 69 -2.80 7.67 -0.98
N VAL G 70 -2.74 8.11 0.27
CA VAL G 70 -3.92 8.25 1.10
C VAL G 70 -4.03 9.68 1.60
N LYS G 71 -5.25 10.05 2.01
CA LYS G 71 -5.50 11.34 2.64
C LYS G 71 -4.83 11.39 4.00
N GLY G 72 -4.64 12.59 4.53
CA GLY G 72 -3.87 12.74 5.77
C GLY G 72 -4.58 12.22 6.99
N ASP G 73 -5.92 12.22 6.97
CA ASP G 73 -6.69 11.76 8.13
C ASP G 73 -6.62 10.25 8.32
N ASP G 74 -6.36 9.50 7.27
CA ASP G 74 -6.41 8.04 7.34
C ASP G 74 -5.12 7.40 6.85
N VAL G 75 -3.97 7.98 7.23
CA VAL G 75 -2.72 7.22 7.14
C VAL G 75 -2.52 6.43 8.41
N ARG G 76 -3.34 6.70 9.43
CA ARG G 76 -3.31 5.92 10.65
C ARG G 76 -3.92 4.54 10.47
N GLN G 77 -4.71 4.35 9.43
CA GLN G 77 -5.33 3.06 9.17
C GLN G 77 -4.38 2.07 8.51
N ILE G 78 -3.22 2.53 8.06
CA ILE G 78 -2.24 1.60 7.50
C ILE G 78 -1.46 1.02 8.66
N ALA G 79 -2.03 -0.02 9.28
CA ALA G 79 -1.57 -0.60 10.53
C ALA G 79 -2.39 -1.86 10.77
N PRO G 80 -1.89 -2.80 11.57
CA PRO G 80 -2.71 -3.97 11.90
C PRO G 80 -3.88 -3.60 12.81
N GLY G 81 -4.99 -4.31 12.64
CA GLY G 81 -6.22 -3.90 13.29
C GLY G 81 -6.88 -2.83 12.45
N GLN G 82 -7.33 -1.77 13.12
CA GLN G 82 -7.69 -0.47 12.52
C GLN G 82 -8.82 -0.59 11.50
N THR G 83 -10.01 -0.88 12.01
CA THR G 83 -11.21 -0.81 11.17
C THR G 83 -11.44 0.62 10.69
N GLY G 84 -11.82 0.76 9.41
CA GLY G 84 -11.99 2.07 8.82
C GLY G 84 -12.19 1.95 7.32
N VAL G 85 -12.53 3.09 6.71
CA VAL G 85 -12.99 3.12 5.32
C VAL G 85 -11.84 2.79 4.36
N ILE G 86 -10.60 3.10 4.75
CA ILE G 86 -9.46 2.67 3.95
C ILE G 86 -9.11 1.22 4.25
N ALA G 87 -8.99 0.87 5.52
CA ALA G 87 -8.28 -0.34 5.87
C ALA G 87 -9.13 -1.60 5.90
N ASP G 88 -10.46 -1.50 5.81
CA ASP G 88 -11.23 -2.72 5.60
C ASP G 88 -11.94 -2.71 4.26
N TYR G 89 -11.52 -1.85 3.34
CA TYR G 89 -12.02 -1.88 1.97
C TYR G 89 -10.96 -1.74 0.89
N ASN G 90 -9.77 -1.23 1.21
CA ASN G 90 -8.76 -0.98 0.19
C ASN G 90 -7.43 -1.67 0.45
N TYR G 91 -6.94 -1.67 1.68
CA TYR G 91 -5.63 -2.26 1.97
C TYR G 91 -5.63 -2.70 3.44
N LYS G 92 -5.82 -4.00 3.67
CA LYS G 92 -5.97 -4.54 5.00
C LYS G 92 -4.70 -5.26 5.40
N LEU G 93 -3.97 -4.70 6.35
CA LEU G 93 -2.79 -5.37 6.88
C LEU G 93 -3.22 -6.50 7.82
N PRO G 94 -2.48 -7.61 7.83
CA PRO G 94 -2.81 -8.70 8.75
C PRO G 94 -2.45 -8.33 10.17
N ASP G 95 -2.96 -9.13 11.12
CA ASP G 95 -2.77 -8.83 12.54
C ASP G 95 -1.31 -8.98 12.95
N ASP G 96 -0.71 -10.10 12.62
CA ASP G 96 0.75 -10.18 12.71
C ASP G 96 1.36 -9.57 11.46
N PHE G 97 2.53 -8.96 11.61
CA PHE G 97 3.14 -8.27 10.49
C PHE G 97 4.57 -7.98 10.87
N MET G 98 5.51 -8.32 10.00
CA MET G 98 6.90 -7.95 10.28
C MET G 98 7.15 -6.72 9.47
N GLY G 99 6.09 -6.18 8.90
CA GLY G 99 6.22 -5.02 8.04
C GLY G 99 6.57 -3.66 8.56
N CYS G 100 7.00 -2.81 7.66
CA CYS G 100 7.39 -1.47 8.03
C CYS G 100 6.55 -0.46 7.28
N VAL G 101 5.93 0.47 7.98
CA VAL G 101 5.05 1.42 7.31
C VAL G 101 5.72 2.76 7.26
N LEU G 102 5.87 3.33 6.07
CA LEU G 102 6.52 4.61 5.91
C LEU G 102 5.60 5.54 5.17
N ALA G 103 5.61 6.83 5.51
CA ALA G 103 4.74 7.78 4.87
C ALA G 103 5.38 9.14 4.87
N TRP G 104 4.85 10.09 4.11
CA TRP G 104 5.44 11.42 4.01
C TRP G 104 4.48 12.34 3.28
N ASN G 105 4.62 13.64 3.57
CA ASN G 105 3.67 14.64 3.08
C ASN G 105 4.11 15.12 1.71
N THR G 106 3.15 15.19 0.78
CA THR G 106 3.43 15.59 -0.60
C THR G 106 2.42 16.60 -1.09
N ARG G 107 2.24 17.69 -0.33
CA ARG G 107 1.46 18.81 -0.83
C ARG G 107 2.09 19.47 -2.05
N ASN G 108 3.41 19.37 -2.21
CA ASN G 108 4.10 20.05 -3.29
C ASN G 108 3.78 19.43 -4.65
N ILE G 109 3.64 18.11 -4.70
CA ILE G 109 3.52 17.42 -5.98
C ILE G 109 2.07 17.09 -6.27
N ASP G 110 1.46 16.28 -5.41
CA ASP G 110 0.18 15.64 -5.70
C ASP G 110 -1.03 16.55 -5.58
N ALA G 111 -0.86 17.78 -5.09
CA ALA G 111 -1.98 18.69 -4.92
C ALA G 111 -1.74 19.97 -5.69
N THR G 112 -2.80 20.50 -6.29
CA THR G 112 -2.74 21.66 -7.16
C THR G 112 -3.56 22.81 -6.56
N SER G 113 -3.64 23.90 -7.32
CA SER G 113 -4.46 25.04 -6.94
C SER G 113 -5.88 24.92 -7.45
N THR G 114 -6.08 24.26 -8.59
CA THR G 114 -7.42 24.07 -9.13
C THR G 114 -8.10 22.83 -8.55
N GLY G 115 -7.35 21.78 -8.28
CA GLY G 115 -7.93 20.59 -7.70
C GLY G 115 -7.51 19.30 -8.38
N ASN G 116 -6.97 18.37 -7.60
CA ASN G 116 -6.60 17.06 -8.11
C ASN G 116 -7.75 16.09 -7.90
N TYR G 117 -8.17 15.45 -8.99
CA TYR G 117 -9.23 14.45 -8.93
C TYR G 117 -8.77 13.11 -9.50
N ASN G 118 -7.48 12.84 -9.43
CA ASN G 118 -6.93 11.68 -10.12
C ASN G 118 -6.76 10.48 -9.20
N TYR G 119 -6.60 10.70 -7.90
CA TYR G 119 -6.49 9.61 -6.94
C TYR G 119 -7.88 9.17 -6.48
N LYS G 120 -8.04 7.87 -6.28
CA LYS G 120 -9.33 7.29 -5.95
C LYS G 120 -9.22 6.48 -4.66
N TYR G 121 -10.36 6.17 -4.07
CA TYR G 121 -10.41 5.23 -2.95
C TYR G 121 -11.78 4.58 -2.92
N ARG G 122 -11.82 3.27 -2.83
CA ARG G 122 -13.10 2.57 -2.85
C ARG G 122 -13.69 2.57 -1.45
N TYR G 123 -14.92 3.06 -1.34
CA TYR G 123 -15.49 3.37 -0.05
C TYR G 123 -16.67 2.50 0.34
N LEU G 124 -17.13 1.62 -0.54
CA LEU G 124 -18.41 0.97 -0.33
C LEU G 124 -18.43 -0.33 -1.13
N ARG G 125 -18.45 -1.45 -0.42
CA ARG G 125 -18.18 -2.76 -0.98
C ARG G 125 -18.84 -3.81 -0.10
N HIS G 126 -19.16 -4.96 -0.68
CA HIS G 126 -19.79 -6.06 0.04
C HIS G 126 -18.78 -6.67 1.01
N GLY G 127 -18.84 -6.23 2.27
CA GLY G 127 -18.09 -6.87 3.32
C GLY G 127 -16.62 -6.50 3.33
N LYS G 128 -15.92 -7.01 4.34
CA LYS G 128 -14.51 -6.77 4.51
C LYS G 128 -13.71 -7.57 3.50
N LEU G 129 -12.43 -7.25 3.38
CA LEU G 129 -11.50 -8.08 2.64
C LEU G 129 -10.39 -8.57 3.55
N ARG G 130 -9.80 -9.70 3.17
CA ARG G 130 -8.81 -10.39 4.00
C ARG G 130 -7.48 -9.64 3.91
N PRO G 131 -6.46 -10.07 4.67
CA PRO G 131 -5.11 -9.51 4.50
C PRO G 131 -4.58 -9.54 3.07
N PHE G 132 -4.06 -8.37 2.64
CA PHE G 132 -3.30 -8.13 1.42
C PHE G 132 -4.07 -8.33 0.12
N GLU G 133 -5.36 -8.63 0.19
CA GLU G 133 -6.15 -8.86 -1.01
C GLU G 133 -6.61 -7.52 -1.57
N ARG G 134 -6.40 -7.30 -2.86
CA ARG G 134 -6.81 -6.05 -3.51
C ARG G 134 -8.01 -6.29 -4.39
N ASP G 135 -8.73 -5.21 -4.71
CA ASP G 135 -9.80 -5.24 -5.69
C ASP G 135 -9.67 -4.05 -6.62
N ILE G 136 -9.85 -4.31 -7.90
CA ILE G 136 -9.67 -3.29 -8.92
C ILE G 136 -10.95 -3.20 -9.75
N SER G 137 -11.88 -4.12 -9.50
CA SER G 137 -13.10 -4.17 -10.28
C SER G 137 -14.01 -3.01 -9.89
N ASN G 138 -14.49 -2.29 -10.88
CA ASN G 138 -15.39 -1.16 -10.67
C ASN G 138 -16.72 -1.52 -11.31
N VAL G 139 -17.56 -2.22 -10.55
CA VAL G 139 -18.93 -2.51 -10.97
C VAL G 139 -19.84 -1.79 -9.99
N PRO G 140 -21.00 -1.31 -10.41
CA PRO G 140 -21.80 -0.45 -9.52
C PRO G 140 -22.45 -1.25 -8.40
N PHE G 141 -22.29 -0.75 -7.18
CA PHE G 141 -22.82 -1.40 -6.00
C PHE G 141 -24.33 -1.21 -5.94
N SER G 142 -25.01 -2.25 -5.46
CA SER G 142 -26.40 -2.17 -5.12
C SER G 142 -26.56 -2.94 -3.81
N PRO G 143 -27.31 -2.41 -2.85
CA PRO G 143 -27.40 -3.05 -1.53
C PRO G 143 -28.23 -4.34 -1.50
N ASP G 144 -28.79 -4.80 -2.62
CA ASP G 144 -29.50 -6.06 -2.65
C ASP G 144 -28.67 -7.19 -3.26
N GLY G 145 -27.59 -6.86 -3.95
CA GLY G 145 -26.82 -7.88 -4.63
C GLY G 145 -27.11 -7.80 -6.13
N LYS G 146 -28.37 -7.65 -6.48
CA LYS G 146 -28.75 -7.52 -7.90
C LYS G 146 -28.19 -6.22 -8.44
N PRO G 147 -27.72 -6.23 -9.68
CA PRO G 147 -27.05 -5.02 -10.19
C PRO G 147 -27.92 -3.84 -10.61
N CYS G 148 -27.37 -2.62 -10.56
CA CYS G 148 -28.09 -1.46 -11.05
C CYS G 148 -27.36 -0.88 -12.25
N THR G 149 -27.84 0.29 -12.67
CA THR G 149 -27.01 1.25 -13.39
C THR G 149 -27.40 2.65 -12.88
N PRO G 150 -26.56 3.24 -12.03
CA PRO G 150 -26.85 4.57 -11.47
C PRO G 150 -26.84 5.64 -12.54
N PRO G 151 -27.57 6.76 -12.34
CA PRO G 151 -28.26 7.31 -11.16
C PRO G 151 -29.69 6.82 -10.86
N ALA G 152 -29.92 5.52 -10.89
CA ALA G 152 -31.20 4.93 -10.51
C ALA G 152 -31.33 4.84 -8.99
N LEU G 153 -32.30 4.05 -8.54
CA LEU G 153 -32.81 4.12 -7.17
C LEU G 153 -31.83 3.54 -6.15
N ASN G 154 -31.28 4.45 -5.32
CA ASN G 154 -30.41 4.21 -4.14
C ASN G 154 -29.34 3.13 -4.35
N CYS G 155 -28.59 3.26 -5.45
CA CYS G 155 -27.45 2.38 -5.66
C CYS G 155 -26.39 3.13 -6.45
N TYR G 156 -25.27 3.44 -5.80
CA TYR G 156 -24.25 4.34 -6.30
C TYR G 156 -23.08 3.56 -6.89
N TRP G 157 -22.04 4.30 -7.29
CA TRP G 157 -20.75 3.85 -7.77
C TRP G 157 -19.80 3.64 -6.59
N PRO G 158 -18.98 2.61 -6.61
CA PRO G 158 -18.24 2.25 -5.39
C PRO G 158 -16.93 2.97 -5.20
N LEU G 159 -16.68 4.06 -5.91
CA LEU G 159 -15.46 4.81 -5.72
C LEU G 159 -15.77 6.27 -5.45
N ASN G 160 -14.80 6.96 -4.87
CA ASN G 160 -14.81 8.40 -4.76
C ASN G 160 -13.43 8.93 -5.09
N ASP G 161 -13.29 10.24 -5.07
CA ASP G 161 -12.03 10.91 -5.33
C ASP G 161 -11.64 11.69 -4.09
N TYR G 162 -10.34 11.77 -3.83
CA TYR G 162 -9.86 12.48 -2.65
C TYR G 162 -10.11 13.98 -2.76
N GLY G 163 -10.01 14.54 -3.95
CA GLY G 163 -10.21 15.96 -4.13
C GLY G 163 -9.13 16.79 -3.46
N PHE G 164 -7.91 16.69 -3.96
CA PHE G 164 -6.79 17.36 -3.31
C PHE G 164 -6.68 18.80 -3.76
N TYR G 165 -6.49 19.69 -2.79
CA TYR G 165 -6.25 21.10 -3.06
C TYR G 165 -4.99 21.52 -2.33
N THR G 166 -4.56 22.76 -2.56
CA THR G 166 -3.43 23.32 -1.85
C THR G 166 -3.84 24.33 -0.79
N THR G 167 -5.13 24.66 -0.70
CA THR G 167 -5.60 25.62 0.28
C THR G 167 -6.14 24.96 1.54
N THR G 168 -6.37 23.65 1.53
CA THR G 168 -7.00 23.00 2.66
C THR G 168 -5.99 22.71 3.76
N GLY G 169 -6.47 22.08 4.82
CA GLY G 169 -5.67 21.83 6.00
C GLY G 169 -4.66 20.72 5.81
N ILE G 170 -4.11 20.28 6.94
CA ILE G 170 -3.14 19.19 6.90
C ILE G 170 -3.84 17.85 6.67
N GLY G 171 -5.00 17.66 7.30
CA GLY G 171 -5.69 16.38 7.25
C GLY G 171 -6.22 15.98 5.89
N TYR G 172 -6.39 16.94 4.99
CA TYR G 172 -6.85 16.64 3.64
C TYR G 172 -5.72 16.74 2.61
N GLN G 173 -4.49 16.92 3.05
CA GLN G 173 -3.36 16.94 2.12
C GLN G 173 -2.91 15.51 1.82
N PRO G 174 -2.34 15.27 0.64
CA PRO G 174 -1.96 13.90 0.29
C PRO G 174 -0.74 13.42 1.05
N TYR G 175 -0.79 12.16 1.49
CA TYR G 175 0.34 11.50 2.12
C TYR G 175 0.70 10.28 1.29
N ARG G 176 1.87 10.32 0.65
CA ARG G 176 2.36 9.15 -0.06
C ARG G 176 2.83 8.12 0.94
N VAL G 177 2.58 6.84 0.65
CA VAL G 177 2.85 5.75 1.57
C VAL G 177 3.73 4.73 0.85
N VAL G 178 4.60 4.06 1.59
CA VAL G 178 5.25 2.84 1.11
C VAL G 178 5.42 1.86 2.26
N VAL G 179 4.94 0.63 2.07
CA VAL G 179 4.81 -0.35 3.15
C VAL G 179 5.70 -1.53 2.81
N LEU G 180 6.80 -1.69 3.55
CA LEU G 180 7.63 -2.87 3.40
C LEU G 180 6.98 -4.04 4.13
N SER G 181 7.48 -5.25 3.85
CA SER G 181 7.01 -6.44 4.56
C SER G 181 8.10 -7.52 4.49
N PHE G 182 8.86 -7.69 5.57
CA PHE G 182 9.90 -8.70 5.62
C PHE G 182 9.27 -10.07 5.82
N GLU G 183 9.78 -11.08 5.11
CA GLU G 183 9.10 -12.38 5.03
C GLU G 183 10.09 -13.55 5.19
N LEU G 184 10.86 -13.55 6.28
CA LEU G 184 12.11 -14.31 6.43
C LEU G 184 11.99 -15.82 6.14
N LEU G 185 11.07 -16.53 6.80
CA LEU G 185 10.57 -17.87 6.46
C LEU G 185 11.58 -18.94 6.08
N ASN G 186 12.81 -18.84 6.61
CA ASN G 186 13.88 -19.83 6.47
C ASN G 186 14.22 -20.11 4.99
N ALA G 187 14.77 -19.08 4.36
CA ALA G 187 15.24 -19.15 2.99
C ALA G 187 16.73 -18.88 2.96
N PRO G 188 17.29 -18.76 1.74
CA PRO G 188 18.75 -18.69 1.63
C PRO G 188 19.31 -17.34 2.07
N ALA G 189 18.95 -16.18 1.45
CA ALA G 189 19.72 -15.02 1.89
C ALA G 189 19.15 -14.37 3.15
C1 NAG H . 15.53 9.74 -3.38
C2 NAG H . 16.61 8.70 -3.09
C3 NAG H . 17.50 9.13 -1.94
C4 NAG H . 18.06 10.51 -2.23
C5 NAG H . 16.94 11.49 -2.55
C6 NAG H . 17.44 12.87 -2.95
C7 NAG H . 15.31 7.01 -1.78
C8 NAG H . 15.47 5.57 -1.38
N2 NAG H . 16.04 7.37 -2.85
O3 NAG H . 18.56 8.18 -1.80
O4 NAG H . 18.83 10.97 -1.10
O5 NAG H . 16.11 11.00 -3.60
O6 NAG H . 16.34 13.78 -3.00
O7 NAG H . 14.54 7.73 -1.18
C1 NAG H . 20.20 11.14 -1.50
C2 NAG H . 20.89 12.21 -0.67
C3 NAG H . 22.29 12.43 -1.23
C4 NAG H . 23.04 11.11 -1.21
C5 NAG H . 22.26 10.09 -2.03
C6 NAG H . 22.98 8.74 -2.02
C7 NAG H . 19.32 13.82 0.25
C8 NAG H . 18.79 15.22 0.16
N2 NAG H . 20.16 13.47 -0.71
O3 NAG H . 22.99 13.39 -0.41
O4 NAG H . 24.34 11.29 -1.78
O5 NAG H . 20.95 9.93 -1.49
O6 NAG H . 23.11 8.29 -0.66
O7 NAG H . 18.99 13.06 1.15
C1 NAG I . 15.87 15.60 5.18
C2 NAG I . 17.13 16.29 4.67
C3 NAG I . 16.95 17.78 4.81
C4 NAG I . 15.69 18.24 4.09
C5 NAG I . 14.49 17.47 4.62
C6 NAG I . 13.18 17.78 3.90
C7 NAG I . 19.08 14.90 5.07
C8 NAG I . 19.70 14.10 6.17
N2 NAG I . 18.28 15.88 5.45
O3 NAG I . 18.10 18.45 4.27
O4 NAG I . 15.51 19.63 4.35
O5 NAG I . 14.73 16.08 4.48
O6 NAG I . 13.24 17.24 2.57
O7 NAG I . 19.29 14.66 3.89
C1 NAG I . 15.46 20.37 3.12
C2 NAG I . 14.83 21.73 3.35
C3 NAG I . 14.75 22.48 2.03
C4 NAG I . 16.15 22.57 1.43
C5 NAG I . 16.73 21.18 1.26
C6 NAG I . 18.15 21.23 0.73
C7 NAG I . 13.29 21.64 5.23
C8 NAG I . 11.94 21.15 5.69
N2 NAG I . 13.50 21.61 3.92
O3 NAG I . 14.24 23.80 2.25
O4 NAG I . 16.09 23.22 0.16
O5 NAG I . 16.75 20.51 2.52
O6 NAG I . 19.01 21.82 1.71
O7 NAG I . 14.14 22.02 6.01
#